data_6KST
#
_entry.id   6KST
#
_cell.length_a   69.189
_cell.length_b   81.547
_cell.length_c   130.012
_cell.angle_alpha   90.000
_cell.angle_beta   90.000
_cell.angle_gamma   90.000
#
_symmetry.space_group_name_H-M   'P 21 21 21'
#
loop_
_entity.id
_entity.type
_entity.pdbx_description
1 polymer 'Family 18 chitinase'
2 non-polymer GLYCEROL
3 non-polymer 'SULFATE ION'
4 non-polymer 1,2-ETHANEDIOL
5 non-polymer 2-METHOXYETHANOL
6 non-polymer 'CHLORIDE ION'
7 water water
#
_entity_poly.entity_id   1
_entity_poly.type   'polypeptide(L)'
_entity_poly.pdbx_seq_one_letter_code
;GGSGGSYRVVAYYISWGAYGRSYFPSDIDYSKVTHINYAFANIKDGEVVVGDPGVDDGGKNNFTALRKAKKAHPHLRNLI
SVGGWSWSSGFSDAAATPEARKRFADSAVAFIRKYGFDGVDIDWEYPVEGGAENMKHRPEDKQNYTLLTRSLREALDTAG
KADGKYYELTTAVWGNDKFIANTEMDKVSRDFDFINVMSYDFNGTWNKFSGHNAPFVNDPAYDKPGIGKTFNVVSAVEAY
LKAGVPADKLVVGVPLYGYSWKGCAAGERNGEYQDCNGKGRGTWEDGNLDFTDIEKNLLNKKGFKRYWNDTAKAAYLYNA
ETGEFVTYEDPQALKIKLDYIKSKGLGGAMYWEITADRKQTLVNLIADELLT
;
_entity_poly.pdbx_strand_id   A,B
#
# COMPACT_ATOMS: atom_id res chain seq x y z
N SER A 6 28.33 -13.44 -24.07
CA SER A 6 29.22 -13.03 -22.94
C SER A 6 28.40 -12.59 -21.72
N TYR A 7 27.23 -11.99 -21.93
CA TYR A 7 26.48 -11.28 -20.85
C TYR A 7 25.17 -11.99 -20.49
N ARG A 8 24.90 -11.97 -19.19
CA ARG A 8 23.61 -12.46 -18.65
C ARG A 8 22.60 -11.32 -18.59
N VAL A 9 21.34 -11.69 -18.73
CA VAL A 9 20.21 -10.77 -18.42
C VAL A 9 19.28 -11.51 -17.49
N VAL A 10 19.30 -11.10 -16.23
CA VAL A 10 18.61 -11.82 -15.12
C VAL A 10 17.39 -11.03 -14.70
N ALA A 11 16.22 -11.52 -15.05
CA ALA A 11 14.95 -10.81 -14.73
C ALA A 11 14.28 -11.47 -13.54
N TYR A 12 14.00 -10.69 -12.50
CA TYR A 12 13.08 -11.16 -11.43
C TYR A 12 11.63 -11.10 -11.94
N TYR A 13 10.93 -12.22 -11.76
CA TYR A 13 9.45 -12.30 -11.91
C TYR A 13 8.85 -12.48 -10.53
N ILE A 14 7.89 -11.62 -10.19
CA ILE A 14 7.21 -11.63 -8.86
C ILE A 14 5.97 -12.52 -8.92
N SER A 15 5.86 -13.47 -8.01
CA SER A 15 4.70 -14.41 -8.01
C SER A 15 3.40 -13.62 -7.98
N TRP A 16 3.40 -12.51 -7.24
CA TRP A 16 2.18 -11.68 -7.02
C TRP A 16 1.85 -10.87 -8.28
N GLY A 17 2.68 -10.97 -9.33
CA GLY A 17 2.26 -10.46 -10.64
C GLY A 17 0.94 -11.09 -11.09
N ALA A 18 0.69 -12.31 -10.64
CA ALA A 18 -0.50 -13.11 -11.04
C ALA A 18 -1.77 -12.69 -10.29
N TYR A 19 -1.72 -11.61 -9.50
CA TYR A 19 -2.93 -11.02 -8.87
C TYR A 19 -3.39 -9.80 -9.68
N GLY A 20 -3.60 -8.65 -9.01
CA GLY A 20 -4.16 -7.45 -9.67
C GLY A 20 -3.31 -6.97 -10.83
N ARG A 21 -2.00 -7.16 -10.77
CA ARG A 21 -1.12 -6.77 -11.91
C ARG A 21 -1.47 -7.53 -13.19
N SER A 22 -2.04 -8.73 -13.05
CA SER A 22 -2.45 -9.58 -14.21
C SER A 22 -1.27 -9.70 -15.18
N TYR A 23 -0.08 -9.92 -14.65
CA TYR A 23 1.14 -10.18 -15.46
C TYR A 23 1.63 -11.57 -15.07
N PHE A 24 1.45 -12.50 -15.98
CA PHE A 24 1.73 -13.95 -15.74
C PHE A 24 3.03 -14.33 -16.44
N PRO A 25 3.63 -15.50 -16.15
CA PRO A 25 4.82 -15.89 -16.90
C PRO A 25 4.59 -15.95 -18.42
N SER A 26 3.37 -16.24 -18.85
CA SER A 26 3.04 -16.26 -20.31
C SER A 26 3.28 -14.87 -20.94
N ASP A 27 3.26 -13.81 -20.14
CA ASP A 27 3.42 -12.41 -20.63
C ASP A 27 4.89 -12.06 -20.85
N ILE A 28 5.81 -12.85 -20.30
CA ILE A 28 7.27 -12.56 -20.44
C ILE A 28 7.71 -12.78 -21.89
N ASP A 29 8.52 -11.86 -22.41
CA ASP A 29 9.23 -12.11 -23.69
C ASP A 29 10.57 -12.76 -23.34
N TYR A 30 10.61 -14.09 -23.41
CA TYR A 30 11.80 -14.87 -22.94
C TYR A 30 13.00 -14.62 -23.85
N SER A 31 12.80 -14.08 -25.04
CA SER A 31 13.93 -13.72 -25.95
C SER A 31 14.76 -12.57 -25.32
N LYS A 32 14.20 -11.87 -24.35
CA LYS A 32 14.86 -10.65 -23.79
C LYS A 32 15.71 -10.99 -22.56
N VAL A 33 15.78 -12.25 -22.18
CA VAL A 33 16.47 -12.64 -20.90
C VAL A 33 17.36 -13.86 -21.14
N THR A 34 18.30 -14.06 -20.23
CA THR A 34 19.01 -15.38 -20.12
C THR A 34 18.41 -16.18 -18.96
N HIS A 35 17.98 -15.49 -17.92
CA HIS A 35 17.51 -16.12 -16.66
C HIS A 35 16.26 -15.44 -16.14
N ILE A 36 15.34 -16.25 -15.62
CA ILE A 36 14.24 -15.73 -14.76
C ILE A 36 14.52 -16.19 -13.35
N ASN A 37 14.52 -15.23 -12.41
CA ASN A 37 14.52 -15.54 -10.96
C ASN A 37 13.09 -15.41 -10.46
N TYR A 38 12.55 -16.49 -9.92
CA TYR A 38 11.16 -16.49 -9.40
C TYR A 38 11.14 -16.03 -7.95
N ALA A 39 10.54 -14.87 -7.73
CA ALA A 39 10.43 -14.27 -6.37
C ALA A 39 9.05 -14.61 -5.81
N PHE A 40 8.93 -15.44 -4.77
CA PHE A 40 9.99 -16.05 -3.98
C PHE A 40 9.50 -17.39 -3.45
N ALA A 41 10.45 -18.20 -3.00
CA ALA A 41 10.17 -19.32 -2.06
C ALA A 41 10.40 -18.82 -0.63
N ASN A 42 9.65 -19.39 0.31
CA ASN A 42 9.77 -19.06 1.75
C ASN A 42 10.64 -20.13 2.43
N ILE A 43 10.88 -19.93 3.71
CA ILE A 43 11.56 -20.96 4.56
C ILE A 43 10.61 -21.29 5.69
N LYS A 44 10.34 -22.57 5.89
CA LYS A 44 9.52 -23.04 7.04
CA LYS A 44 9.53 -23.03 7.04
C LYS A 44 10.22 -24.23 7.69
N ASP A 45 10.40 -24.14 9.01
CA ASP A 45 11.07 -25.24 9.77
C ASP A 45 12.35 -25.64 9.03
N GLY A 46 13.14 -24.63 8.62
CA GLY A 46 14.50 -24.87 8.08
C GLY A 46 14.51 -25.42 6.66
N GLU A 47 13.37 -25.41 5.97
CA GLU A 47 13.28 -25.95 4.58
C GLU A 47 12.74 -24.88 3.64
N VAL A 48 13.24 -24.93 2.41
CA VAL A 48 12.65 -24.16 1.28
C VAL A 48 11.24 -24.69 1.03
N VAL A 49 10.26 -23.79 1.03
CA VAL A 49 8.83 -24.18 0.80
C VAL A 49 8.20 -23.25 -0.23
N VAL A 50 7.13 -23.74 -0.83
CA VAL A 50 6.32 -22.91 -1.76
C VAL A 50 5.89 -21.63 -1.05
N GLY A 51 6.15 -20.48 -1.69
CA GLY A 51 5.83 -19.17 -1.08
C GLY A 51 4.34 -18.89 -1.06
N ASP A 52 3.67 -19.22 -2.16
CA ASP A 52 2.25 -18.82 -2.32
C ASP A 52 1.52 -19.88 -3.13
N PRO A 53 0.86 -20.83 -2.46
CA PRO A 53 0.11 -21.88 -3.15
C PRO A 53 -1.03 -21.39 -4.08
N GLY A 54 -1.46 -20.15 -3.92
CA GLY A 54 -2.53 -19.57 -4.78
C GLY A 54 -2.06 -19.27 -6.18
N VAL A 55 -0.75 -19.11 -6.38
CA VAL A 55 -0.21 -18.74 -7.72
C VAL A 55 1.02 -19.56 -8.12
N ASP A 56 1.66 -20.29 -7.21
CA ASP A 56 2.96 -20.93 -7.53
C ASP A 56 2.72 -22.31 -8.14
N ASP A 57 2.40 -23.27 -7.29
CA ASP A 57 2.23 -24.70 -7.67
C ASP A 57 0.75 -25.06 -7.77
N GLY A 58 -0.12 -24.05 -7.67
CA GLY A 58 -1.57 -24.24 -7.75
C GLY A 58 -2.24 -22.96 -8.18
N GLY A 59 -3.56 -22.97 -8.25
CA GLY A 59 -4.32 -21.75 -8.58
C GLY A 59 -3.97 -21.22 -9.96
N LYS A 60 -3.29 -20.08 -10.04
CA LYS A 60 -2.86 -19.52 -11.36
C LYS A 60 -1.70 -20.34 -11.95
N ASN A 61 -1.05 -21.19 -11.16
CA ASN A 61 -0.09 -22.20 -11.71
C ASN A 61 1.03 -21.50 -12.49
N ASN A 62 1.68 -20.53 -11.88
CA ASN A 62 2.86 -19.87 -12.49
C ASN A 62 3.95 -20.91 -12.79
N PHE A 63 4.15 -21.90 -11.92
CA PHE A 63 5.25 -22.88 -12.16
C PHE A 63 4.99 -23.66 -13.47
N THR A 64 3.75 -24.07 -13.70
CA THR A 64 3.38 -24.77 -14.97
C THR A 64 3.80 -23.88 -16.16
N ALA A 65 3.49 -22.59 -16.06
CA ALA A 65 3.75 -21.61 -17.16
C ALA A 65 5.26 -21.48 -17.38
N LEU A 66 6.04 -21.48 -16.31
CA LEU A 66 7.52 -21.36 -16.47
C LEU A 66 8.10 -22.63 -17.11
N ARG A 67 7.53 -23.80 -16.78
CA ARG A 67 8.01 -25.06 -17.42
C ARG A 67 7.65 -25.03 -18.91
N LYS A 68 6.46 -24.52 -19.23
CA LYS A 68 6.04 -24.36 -20.66
C LYS A 68 7.06 -23.46 -21.38
N ALA A 69 7.44 -22.36 -20.74
CA ALA A 69 8.43 -21.41 -21.31
C ALA A 69 9.77 -22.13 -21.56
N LYS A 70 10.22 -22.97 -20.63
CA LYS A 70 11.50 -23.72 -20.82
C LYS A 70 11.41 -24.62 -22.06
N LYS A 71 10.26 -25.25 -22.29
CA LYS A 71 10.11 -26.18 -23.45
C LYS A 71 10.16 -25.34 -24.74
N ALA A 72 9.58 -24.15 -24.71
CA ALA A 72 9.45 -23.27 -25.91
C ALA A 72 10.77 -22.55 -26.17
N HIS A 73 11.58 -22.39 -25.13
CA HIS A 73 12.85 -21.59 -25.16
C HIS A 73 13.99 -22.39 -24.53
N PRO A 74 14.63 -23.31 -25.30
CA PRO A 74 15.70 -24.13 -24.75
C PRO A 74 16.84 -23.34 -24.08
N HIS A 75 17.05 -22.08 -24.47
CA HIS A 75 18.13 -21.22 -23.89
C HIS A 75 17.83 -20.92 -22.42
N LEU A 76 16.55 -20.91 -22.08
CA LEU A 76 16.07 -20.29 -20.81
C LEU A 76 16.55 -21.07 -19.59
N ARG A 77 16.97 -20.35 -18.56
CA ARG A 77 17.25 -20.93 -17.22
C ARG A 77 16.34 -20.25 -16.21
N ASN A 78 15.57 -21.04 -15.47
CA ASN A 78 14.68 -20.52 -14.40
C ASN A 78 15.23 -20.91 -13.04
N LEU A 79 15.39 -19.93 -12.16
CA LEU A 79 15.88 -20.18 -10.79
CA LEU A 79 15.90 -20.17 -10.78
C LEU A 79 14.80 -19.81 -9.79
N ILE A 80 14.73 -20.57 -8.70
CA ILE A 80 13.85 -20.17 -7.56
C ILE A 80 14.65 -19.24 -6.66
N SER A 81 14.12 -18.04 -6.44
N SER A 81 14.13 -18.03 -6.42
CA SER A 81 14.73 -17.11 -5.45
CA SER A 81 14.74 -17.08 -5.44
C SER A 81 14.15 -17.42 -4.07
C SER A 81 14.16 -17.34 -4.05
N VAL A 82 15.01 -17.71 -3.11
CA VAL A 82 14.59 -18.00 -1.72
C VAL A 82 14.82 -16.74 -0.89
N GLY A 83 13.77 -16.32 -0.18
CA GLY A 83 13.92 -15.25 0.83
C GLY A 83 13.35 -13.93 0.33
N GLY A 84 14.23 -12.97 0.10
CA GLY A 84 13.81 -11.57 -0.16
C GLY A 84 13.59 -10.80 1.12
N TRP A 85 13.11 -9.58 0.99
CA TRP A 85 13.01 -8.65 2.15
C TRP A 85 12.14 -9.26 3.25
N SER A 86 10.99 -9.80 2.88
CA SER A 86 9.95 -10.23 3.87
C SER A 86 10.22 -11.64 4.42
N TRP A 87 10.89 -12.51 3.66
CA TRP A 87 10.99 -13.97 3.98
C TRP A 87 12.43 -14.40 4.24
N SER A 88 13.25 -13.51 4.80
CA SER A 88 14.66 -13.86 5.10
C SER A 88 14.84 -14.34 6.55
N SER A 89 13.79 -14.34 7.38
CA SER A 89 13.95 -14.57 8.85
C SER A 89 14.45 -15.98 9.17
N GLY A 90 14.32 -16.95 8.25
CA GLY A 90 14.74 -18.36 8.53
C GLY A 90 16.19 -18.63 8.18
N PHE A 91 16.87 -17.73 7.49
CA PHE A 91 18.24 -18.06 6.97
C PHE A 91 19.22 -18.30 8.12
N SER A 92 19.20 -17.43 9.13
CA SER A 92 20.26 -17.48 10.19
C SER A 92 20.26 -18.87 10.85
N ASP A 93 19.07 -19.37 11.16
CA ASP A 93 18.93 -20.73 11.75
C ASP A 93 19.34 -21.80 10.73
N ALA A 94 18.90 -21.64 9.48
CA ALA A 94 19.18 -22.68 8.43
C ALA A 94 20.69 -22.84 8.23
N ALA A 95 21.42 -21.75 8.42
CA ALA A 95 22.88 -21.71 8.11
C ALA A 95 23.74 -22.09 9.33
N ALA A 96 23.15 -22.26 10.51
CA ALA A 96 23.91 -22.15 11.78
C ALA A 96 24.65 -23.44 12.17
N THR A 97 24.22 -24.59 11.65
CA THR A 97 24.82 -25.91 12.02
C THR A 97 24.95 -26.76 10.78
N PRO A 98 25.85 -27.77 10.77
CA PRO A 98 25.92 -28.67 9.62
C PRO A 98 24.57 -29.35 9.34
N GLU A 99 23.88 -29.74 10.41
CA GLU A 99 22.58 -30.45 10.27
C GLU A 99 21.54 -29.51 9.65
N ALA A 100 21.50 -28.27 10.10
CA ALA A 100 20.53 -27.28 9.53
C ALA A 100 20.87 -27.02 8.07
N ARG A 101 22.16 -26.90 7.75
CA ARG A 101 22.56 -26.58 6.35
C ARG A 101 22.18 -27.72 5.42
N LYS A 102 22.40 -28.95 5.86
CA LYS A 102 22.06 -30.14 5.03
C LYS A 102 20.54 -30.21 4.86
N ARG A 103 19.78 -30.00 5.94
CA ARG A 103 18.30 -30.00 5.84
C ARG A 103 17.84 -28.96 4.81
N PHE A 104 18.41 -27.77 4.90
CA PHE A 104 18.05 -26.66 3.97
C PHE A 104 18.42 -27.03 2.54
N ALA A 105 19.66 -27.46 2.36
CA ALA A 105 20.19 -27.76 1.00
C ALA A 105 19.37 -28.88 0.37
N ASP A 106 19.09 -29.93 1.13
CA ASP A 106 18.31 -31.07 0.58
C ASP A 106 16.90 -30.60 0.18
N SER A 107 16.32 -29.69 0.96
CA SER A 107 14.97 -29.15 0.63
C SER A 107 15.02 -28.29 -0.64
N ALA A 108 16.13 -27.61 -0.86
CA ALA A 108 16.31 -26.76 -2.08
C ALA A 108 16.35 -27.65 -3.32
N VAL A 109 17.13 -28.73 -3.25
CA VAL A 109 17.23 -29.72 -4.35
C VAL A 109 15.83 -30.33 -4.58
N ALA A 110 15.15 -30.71 -3.52
CA ALA A 110 13.81 -31.34 -3.65
C ALA A 110 12.85 -30.38 -4.35
N PHE A 111 12.96 -29.10 -4.00
CA PHE A 111 12.07 -28.06 -4.56
C PHE A 111 12.31 -27.90 -6.06
N ILE A 112 13.57 -27.76 -6.47
CA ILE A 112 13.82 -27.48 -7.92
C ILE A 112 13.46 -28.73 -8.75
N ARG A 113 13.65 -29.92 -8.19
CA ARG A 113 13.26 -31.16 -8.92
C ARG A 113 11.74 -31.20 -9.09
N LYS A 114 11.01 -30.93 -8.00
N LYS A 114 11.02 -30.97 -7.99
CA LYS A 114 9.53 -31.12 -8.02
CA LYS A 114 9.53 -31.09 -7.98
C LYS A 114 8.85 -30.05 -8.89
C LYS A 114 8.92 -30.09 -8.96
N TYR A 115 9.42 -28.85 -8.97
CA TYR A 115 8.75 -27.72 -9.67
C TYR A 115 9.44 -27.36 -10.99
N GLY A 116 10.55 -28.01 -11.34
CA GLY A 116 11.14 -27.86 -12.69
C GLY A 116 12.04 -26.65 -12.83
N PHE A 117 12.70 -26.26 -11.74
CA PHE A 117 13.69 -25.16 -11.78
C PHE A 117 15.09 -25.68 -12.09
N ASP A 118 15.91 -24.75 -12.55
CA ASP A 118 17.31 -25.03 -12.99
C ASP A 118 18.33 -24.61 -11.94
N GLY A 119 17.86 -24.13 -10.80
CA GLY A 119 18.79 -23.73 -9.73
C GLY A 119 18.14 -22.82 -8.75
N VAL A 120 18.99 -22.30 -7.87
CA VAL A 120 18.59 -21.60 -6.63
C VAL A 120 19.29 -20.26 -6.54
N ASP A 121 18.50 -19.23 -6.27
CA ASP A 121 19.03 -17.86 -6.00
C ASP A 121 18.79 -17.57 -4.51
N ILE A 122 19.87 -17.30 -3.78
CA ILE A 122 19.78 -17.02 -2.32
C ILE A 122 19.66 -15.51 -2.12
N ASP A 123 18.47 -15.06 -1.71
N ASP A 123 18.48 -15.08 -1.66
CA ASP A 123 18.21 -13.61 -1.47
CA ASP A 123 18.16 -13.63 -1.43
C ASP A 123 18.08 -13.41 0.05
C ASP A 123 18.08 -13.36 0.07
N TRP A 124 19.21 -13.52 0.74
CA TRP A 124 19.28 -13.40 2.22
C TRP A 124 19.47 -11.91 2.54
N GLU A 125 18.45 -11.29 3.13
CA GLU A 125 18.48 -9.83 3.39
C GLU A 125 18.41 -9.57 4.90
N TYR A 126 19.54 -9.41 5.60
CA TYR A 126 20.92 -9.57 5.16
C TYR A 126 21.68 -10.25 6.29
N PRO A 127 22.81 -10.93 6.02
CA PRO A 127 23.58 -11.54 7.11
C PRO A 127 24.07 -10.50 8.13
N VAL A 128 23.99 -10.88 9.40
CA VAL A 128 24.57 -10.15 10.59
C VAL A 128 23.71 -8.95 10.97
N GLU A 129 23.40 -8.08 10.01
CA GLU A 129 22.57 -6.89 10.30
C GLU A 129 21.86 -6.43 9.04
N GLY A 130 20.72 -5.78 9.23
CA GLY A 130 19.95 -5.24 8.10
C GLY A 130 18.80 -6.14 7.73
N GLY A 131 17.80 -5.52 7.12
CA GLY A 131 16.61 -6.23 6.64
C GLY A 131 15.35 -5.79 7.35
N ALA A 132 14.32 -6.59 7.20
CA ALA A 132 12.95 -6.26 7.67
C ALA A 132 12.90 -6.24 9.20
N GLU A 133 11.81 -5.71 9.74
CA GLU A 133 11.60 -5.66 11.21
C GLU A 133 11.63 -7.08 11.80
N ASN A 134 11.09 -8.06 11.08
CA ASN A 134 10.97 -9.48 11.55
C ASN A 134 12.29 -10.24 11.34
N MET A 135 13.32 -9.58 10.78
CA MET A 135 14.55 -10.33 10.39
C MET A 135 15.28 -10.86 11.62
N LYS A 136 15.93 -12.01 11.47
CA LYS A 136 16.72 -12.68 12.55
C LYS A 136 18.18 -12.73 12.11
N HIS A 137 19.07 -12.47 13.04
CA HIS A 137 20.53 -12.45 12.77
C HIS A 137 21.32 -13.13 13.88
N ARG A 138 22.56 -13.45 13.59
CA ARG A 138 23.56 -13.76 14.64
C ARG A 138 24.92 -13.41 14.09
N PRO A 139 25.92 -13.12 14.96
CA PRO A 139 27.24 -12.74 14.45
C PRO A 139 27.85 -13.80 13.55
N GLU A 140 27.55 -15.07 13.84
CA GLU A 140 28.09 -16.22 13.08
C GLU A 140 27.58 -16.22 11.62
N ASP A 141 26.55 -15.43 11.29
CA ASP A 141 26.05 -15.35 9.90
C ASP A 141 27.21 -15.07 8.94
N LYS A 142 28.22 -14.30 9.35
CA LYS A 142 29.30 -13.91 8.40
C LYS A 142 29.98 -15.16 7.84
N GLN A 143 30.33 -16.08 8.72
CA GLN A 143 30.97 -17.36 8.27
C GLN A 143 29.88 -18.33 7.76
N ASN A 144 28.68 -18.26 8.33
CA ASN A 144 27.64 -19.27 8.02
C ASN A 144 27.08 -19.05 6.61
N TYR A 145 27.09 -17.82 6.10
CA TYR A 145 26.70 -17.56 4.69
C TYR A 145 27.62 -18.38 3.77
N THR A 146 28.92 -18.39 4.06
CA THR A 146 29.91 -19.20 3.30
C THR A 146 29.54 -20.68 3.38
N LEU A 147 29.29 -21.15 4.60
CA LEU A 147 29.05 -22.60 4.83
C LEU A 147 27.72 -23.03 4.21
N LEU A 148 26.67 -22.22 4.34
CA LEU A 148 25.37 -22.59 3.69
C LEU A 148 25.55 -22.68 2.18
N THR A 149 26.27 -21.71 1.61
CA THR A 149 26.49 -21.69 0.15
C THR A 149 27.23 -22.98 -0.27
N ARG A 150 28.26 -23.34 0.50
N ARG A 150 28.22 -23.39 0.53
CA ARG A 150 29.08 -24.56 0.20
CA ARG A 150 29.02 -24.60 0.17
C ARG A 150 28.15 -25.78 0.21
C ARG A 150 28.12 -25.84 0.29
N SER A 151 27.30 -25.85 1.24
N SER A 151 27.27 -25.92 1.33
CA SER A 151 26.37 -27.00 1.46
CA SER A 151 26.33 -27.05 1.46
C SER A 151 25.38 -27.10 0.29
C SER A 151 25.42 -27.11 0.22
N LEU A 152 24.88 -25.95 -0.16
CA LEU A 152 24.00 -25.88 -1.35
C LEU A 152 24.75 -26.35 -2.60
N ARG A 153 25.95 -25.82 -2.81
CA ARG A 153 26.72 -26.14 -4.06
C ARG A 153 27.01 -27.64 -4.10
N GLU A 154 27.36 -28.23 -2.96
N GLU A 154 27.37 -28.22 -2.95
CA GLU A 154 27.68 -29.68 -2.92
CA GLU A 154 27.68 -29.67 -2.89
C GLU A 154 26.41 -30.50 -3.20
C GLU A 154 26.41 -30.49 -3.21
N ALA A 155 25.29 -30.12 -2.60
CA ALA A 155 24.00 -30.83 -2.80
C ALA A 155 23.56 -30.71 -4.27
N LEU A 156 23.72 -29.51 -4.83
CA LEU A 156 23.31 -29.27 -6.25
C LEU A 156 24.25 -30.01 -7.22
N ASP A 157 25.54 -30.08 -6.90
CA ASP A 157 26.50 -30.87 -7.73
C ASP A 157 26.05 -32.33 -7.76
N THR A 158 25.80 -32.88 -6.57
CA THR A 158 25.42 -34.31 -6.43
C THR A 158 24.11 -34.56 -7.19
N ALA A 159 23.14 -33.68 -7.00
CA ALA A 159 21.80 -33.84 -7.64
C ALA A 159 21.93 -33.71 -9.16
N GLY A 160 22.75 -32.77 -9.63
CA GLY A 160 22.94 -32.60 -11.08
C GLY A 160 23.53 -33.83 -11.72
N LYS A 161 24.51 -34.45 -11.05
CA LYS A 161 25.11 -35.70 -11.58
C LYS A 161 24.04 -36.79 -11.64
N ALA A 162 23.21 -36.89 -10.61
CA ALA A 162 22.13 -37.92 -10.57
C ALA A 162 21.14 -37.66 -11.70
N ASP A 163 20.88 -36.39 -11.98
CA ASP A 163 19.73 -35.98 -12.84
C ASP A 163 20.16 -35.72 -14.29
N GLY A 164 21.47 -35.74 -14.56
CA GLY A 164 21.99 -35.44 -15.91
C GLY A 164 21.70 -34.00 -16.31
N LYS A 165 21.84 -33.11 -15.33
CA LYS A 165 21.55 -31.65 -15.49
C LYS A 165 22.62 -30.87 -14.75
N TYR A 166 22.82 -29.62 -15.14
CA TYR A 166 23.60 -28.67 -14.31
C TYR A 166 22.62 -27.73 -13.60
N TYR A 167 22.76 -27.64 -12.28
CA TYR A 167 21.95 -26.71 -11.46
C TYR A 167 22.81 -25.51 -11.05
N GLU A 168 22.26 -24.32 -11.26
CA GLU A 168 22.96 -23.06 -10.90
C GLU A 168 22.67 -22.70 -9.45
N LEU A 169 23.61 -21.94 -8.88
CA LEU A 169 23.46 -21.38 -7.51
C LEU A 169 23.91 -19.93 -7.60
N THR A 170 23.00 -19.03 -7.27
CA THR A 170 23.29 -17.57 -7.33
C THR A 170 22.87 -16.91 -6.03
N THR A 171 23.14 -15.62 -5.95
CA THR A 171 22.72 -14.83 -4.77
C THR A 171 22.45 -13.40 -5.20
N ALA A 172 21.55 -12.77 -4.46
CA ALA A 172 21.31 -11.30 -4.51
C ALA A 172 22.04 -10.67 -3.31
N VAL A 173 22.87 -9.68 -3.58
CA VAL A 173 23.68 -9.04 -2.49
C VAL A 173 23.31 -7.56 -2.38
N TRP A 174 23.38 -7.06 -1.16
CA TRP A 174 23.01 -5.66 -0.84
C TRP A 174 23.87 -4.67 -1.63
N GLY A 175 23.26 -3.57 -2.05
CA GLY A 175 24.05 -2.45 -2.61
C GLY A 175 24.88 -1.76 -1.55
N ASN A 176 24.50 -1.93 -0.28
CA ASN A 176 25.18 -1.33 0.90
C ASN A 176 26.42 -2.15 1.21
N ASP A 177 27.58 -1.50 1.32
CA ASP A 177 28.87 -2.24 1.52
C ASP A 177 28.96 -2.83 2.94
N LYS A 178 27.99 -2.57 3.82
CA LYS A 178 27.88 -3.34 5.09
C LYS A 178 27.83 -4.84 4.79
N PHE A 179 27.20 -5.22 3.69
CA PHE A 179 27.07 -6.66 3.32
C PHE A 179 28.47 -7.28 3.20
N ILE A 180 29.40 -6.55 2.61
CA ILE A 180 30.79 -7.04 2.37
C ILE A 180 31.52 -7.21 3.71
N ALA A 181 31.30 -6.27 4.64
CA ALA A 181 31.88 -6.36 6.00
C ALA A 181 31.31 -7.58 6.74
N ASN A 182 30.11 -7.99 6.37
CA ASN A 182 29.33 -9.03 7.12
C ASN A 182 29.30 -10.37 6.39
N THR A 183 30.13 -10.51 5.36
CA THR A 183 30.25 -11.77 4.59
C THR A 183 31.70 -11.99 4.21
N GLU A 184 31.96 -13.13 3.58
CA GLU A 184 33.31 -13.47 3.06
C GLU A 184 33.22 -13.63 1.55
N MET A 185 33.07 -12.52 0.83
CA MET A 185 32.77 -12.61 -0.62
C MET A 185 33.95 -13.29 -1.36
N ASP A 186 35.17 -13.14 -0.82
CA ASP A 186 36.40 -13.75 -1.41
C ASP A 186 36.40 -15.27 -1.21
N LYS A 187 35.69 -15.77 -0.21
CA LYS A 187 35.64 -17.24 0.04
C LYS A 187 34.44 -17.87 -0.67
N VAL A 188 33.31 -17.16 -0.73
CA VAL A 188 32.01 -17.75 -1.16
C VAL A 188 31.80 -17.58 -2.68
N SER A 189 32.45 -16.59 -3.30
CA SER A 189 32.26 -16.33 -4.76
C SER A 189 32.47 -17.60 -5.58
N ARG A 190 33.42 -18.44 -5.18
N ARG A 190 33.44 -18.44 -5.20
CA ARG A 190 33.80 -19.66 -5.96
CA ARG A 190 33.76 -19.64 -6.04
C ARG A 190 32.61 -20.64 -6.07
C ARG A 190 32.53 -20.55 -6.16
N ASP A 191 31.62 -20.52 -5.19
CA ASP A 191 30.47 -21.46 -5.19
C ASP A 191 29.23 -20.87 -5.85
N PHE A 192 29.24 -19.59 -6.16
CA PHE A 192 28.12 -18.97 -6.91
C PHE A 192 28.44 -18.91 -8.40
N ASP A 193 27.49 -19.29 -9.24
CA ASP A 193 27.68 -19.16 -10.71
C ASP A 193 27.79 -17.68 -11.08
N PHE A 194 27.00 -16.86 -10.41
CA PHE A 194 27.08 -15.38 -10.56
C PHE A 194 26.41 -14.75 -9.35
N ILE A 195 26.67 -13.46 -9.22
CA ILE A 195 26.28 -12.67 -8.01
C ILE A 195 25.50 -11.46 -8.51
N ASN A 196 24.23 -11.38 -8.12
CA ASN A 196 23.33 -10.29 -8.55
C ASN A 196 23.45 -9.15 -7.56
N VAL A 197 24.16 -8.09 -7.94
CA VAL A 197 24.37 -6.92 -7.04
C VAL A 197 23.12 -6.04 -7.10
N MET A 198 22.45 -5.86 -5.98
CA MET A 198 21.22 -5.02 -5.93
C MET A 198 21.67 -3.56 -5.82
N SER A 199 22.20 -3.07 -6.94
CA SER A 199 22.75 -1.69 -7.08
C SER A 199 21.61 -0.68 -7.30
N TYR A 200 20.71 -0.66 -6.32
CA TYR A 200 19.51 0.21 -6.29
C TYR A 200 19.06 0.25 -4.83
N ASP A 201 17.92 0.89 -4.57
CA ASP A 201 17.44 1.11 -3.17
C ASP A 201 18.49 1.91 -2.39
N PHE A 202 19.23 2.78 -3.06
CA PHE A 202 20.24 3.62 -2.35
C PHE A 202 19.57 4.76 -1.60
N ASN A 203 18.43 5.20 -2.11
CA ASN A 203 17.62 6.28 -1.48
C ASN A 203 16.15 5.97 -1.74
N GLY A 204 15.29 6.44 -0.84
CA GLY A 204 13.86 6.15 -0.89
C GLY A 204 13.18 6.78 0.30
N THR A 205 11.92 6.44 0.51
CA THR A 205 11.03 7.23 1.41
C THR A 205 11.27 6.88 2.89
N TRP A 206 12.20 5.97 3.17
CA TRP A 206 12.79 5.85 4.54
C TRP A 206 13.50 7.15 4.91
N ASN A 207 13.92 7.92 3.91
CA ASN A 207 14.43 9.30 4.10
C ASN A 207 13.27 10.28 3.93
N LYS A 208 13.21 11.32 4.76
N LYS A 208 13.21 11.32 4.76
CA LYS A 208 12.14 12.35 4.63
C LYS A 208 12.48 13.33 3.49
N PHE A 209 13.71 13.26 3.01
CA PHE A 209 14.21 14.10 1.88
C PHE A 209 14.37 13.23 0.62
N SER A 210 14.30 13.89 -0.52
CA SER A 210 14.41 13.23 -1.84
C SER A 210 15.85 12.87 -2.20
N GLY A 211 15.96 11.93 -3.12
CA GLY A 211 17.26 11.47 -3.62
C GLY A 211 17.05 10.42 -4.68
N HIS A 212 18.15 9.90 -5.19
CA HIS A 212 18.12 8.98 -6.37
C HIS A 212 18.15 7.53 -5.92
N ASN A 213 17.28 6.72 -6.51
CA ASN A 213 17.26 5.27 -6.18
C ASN A 213 18.56 4.60 -6.63
N ALA A 214 19.10 5.01 -7.77
CA ALA A 214 20.25 4.28 -8.38
C ALA A 214 21.18 5.24 -9.10
N PRO A 215 21.76 6.22 -8.39
CA PRO A 215 22.71 7.13 -9.03
C PRO A 215 23.92 6.31 -9.48
N PHE A 216 24.44 6.68 -10.64
CA PHE A 216 25.58 5.93 -11.24
C PHE A 216 26.85 6.10 -10.40
N VAL A 217 27.14 7.35 -10.05
CA VAL A 217 28.34 7.68 -9.22
C VAL A 217 27.92 8.61 -8.11
N ASN A 218 28.82 8.77 -7.15
CA ASN A 218 28.60 9.71 -6.02
C ASN A 218 28.38 11.13 -6.53
N ASP A 219 27.36 11.79 -5.98
CA ASP A 219 27.14 13.24 -6.20
C ASP A 219 27.48 13.96 -4.91
N PRO A 220 28.64 14.65 -4.80
CA PRO A 220 28.96 15.35 -3.55
C PRO A 220 28.01 16.49 -3.16
N ALA A 221 27.16 16.91 -4.10
CA ALA A 221 26.09 17.91 -3.82
C ALA A 221 25.01 17.29 -2.91
N TYR A 222 24.93 15.97 -2.91
CA TYR A 222 23.99 15.22 -2.03
C TYR A 222 24.67 15.02 -0.69
N ASP A 223 24.29 15.82 0.29
CA ASP A 223 24.98 15.88 1.61
CA ASP A 223 24.98 15.86 1.61
C ASP A 223 23.96 15.82 2.76
N LYS A 224 23.04 14.88 2.68
CA LYS A 224 22.02 14.67 3.74
C LYS A 224 22.58 13.76 4.83
N PRO A 225 22.01 13.82 6.06
CA PRO A 225 22.60 13.12 7.20
C PRO A 225 22.73 11.61 7.05
N GLY A 226 23.96 11.11 7.21
CA GLY A 226 24.30 9.68 7.34
C GLY A 226 24.34 8.94 6.01
N ILE A 227 24.18 9.66 4.90
CA ILE A 227 24.15 9.00 3.55
C ILE A 227 25.44 9.38 2.83
N GLY A 228 26.39 8.47 2.87
N GLY A 228 26.43 8.49 2.90
CA GLY A 228 27.77 8.75 2.46
CA GLY A 228 27.85 8.79 2.59
C GLY A 228 28.02 8.44 1.01
C GLY A 228 28.15 8.90 1.10
N LYS A 229 29.29 8.36 0.68
CA LYS A 229 29.78 8.54 -0.71
CA LYS A 229 29.79 8.54 -0.71
C LYS A 229 29.73 7.20 -1.46
N THR A 230 29.29 6.12 -0.79
CA THR A 230 29.30 4.76 -1.43
C THR A 230 27.91 4.32 -1.88
N PHE A 231 26.90 5.17 -1.71
CA PHE A 231 25.49 4.85 -2.05
C PHE A 231 25.22 5.11 -3.54
N ASN A 232 25.93 4.37 -4.39
CA ASN A 232 25.83 4.57 -5.87
C ASN A 232 26.33 3.31 -6.57
N VAL A 233 25.98 3.19 -7.85
CA VAL A 233 26.24 1.92 -8.61
C VAL A 233 27.75 1.63 -8.70
N VAL A 234 28.54 2.62 -9.13
CA VAL A 234 30.00 2.38 -9.34
C VAL A 234 30.65 2.02 -8.00
N SER A 235 30.33 2.73 -6.94
CA SER A 235 30.90 2.39 -5.59
C SER A 235 30.57 0.94 -5.25
N ALA A 236 29.33 0.51 -5.46
CA ALA A 236 28.91 -0.87 -5.09
C ALA A 236 29.70 -1.88 -5.94
N VAL A 237 29.78 -1.64 -7.25
CA VAL A 237 30.51 -2.57 -8.17
C VAL A 237 31.97 -2.64 -7.72
N GLU A 238 32.60 -1.49 -7.55
CA GLU A 238 34.05 -1.46 -7.17
C GLU A 238 34.25 -2.19 -5.83
N ALA A 239 33.31 -2.02 -4.90
CA ALA A 239 33.43 -2.66 -3.56
C ALA A 239 33.39 -4.17 -3.71
N TYR A 240 32.47 -4.69 -4.52
CA TYR A 240 32.35 -6.17 -4.68
C TYR A 240 33.57 -6.71 -5.44
N LEU A 241 34.06 -5.98 -6.44
CA LEU A 241 35.30 -6.42 -7.14
C LEU A 241 36.46 -6.49 -6.14
N LYS A 242 36.61 -5.45 -5.33
CA LYS A 242 37.73 -5.39 -4.35
CA LYS A 242 37.73 -5.38 -4.33
C LYS A 242 37.59 -6.53 -3.34
N ALA A 243 36.35 -6.90 -3.02
CA ALA A 243 36.04 -7.96 -2.01
C ALA A 243 36.28 -9.35 -2.61
N GLY A 244 36.58 -9.45 -3.90
CA GLY A 244 36.96 -10.73 -4.54
C GLY A 244 35.88 -11.35 -5.40
N VAL A 245 34.80 -10.63 -5.68
CA VAL A 245 33.84 -11.11 -6.73
C VAL A 245 34.50 -10.95 -8.09
N PRO A 246 34.75 -12.02 -8.88
CA PRO A 246 35.36 -11.83 -10.20
C PRO A 246 34.40 -11.06 -11.12
N ALA A 247 34.97 -10.18 -11.92
CA ALA A 247 34.19 -9.28 -12.82
C ALA A 247 33.14 -10.10 -13.60
N ASP A 248 33.55 -11.23 -14.16
CA ASP A 248 32.67 -12.03 -15.06
C ASP A 248 31.46 -12.60 -14.29
N LYS A 249 31.53 -12.64 -12.95
CA LYS A 249 30.39 -13.15 -12.13
C LYS A 249 29.52 -12.01 -11.61
N LEU A 250 29.94 -10.76 -11.78
CA LEU A 250 29.28 -9.61 -11.09
C LEU A 250 28.20 -9.07 -12.02
N VAL A 251 26.94 -9.30 -11.64
CA VAL A 251 25.77 -8.88 -12.46
C VAL A 251 25.19 -7.62 -11.84
N VAL A 252 25.03 -6.58 -12.65
CA VAL A 252 24.64 -5.23 -12.15
C VAL A 252 23.12 -5.10 -12.13
N GLY A 253 22.58 -4.86 -10.95
CA GLY A 253 21.13 -4.67 -10.76
C GLY A 253 20.64 -3.32 -11.23
N VAL A 254 19.45 -3.34 -11.81
CA VAL A 254 18.75 -2.14 -12.35
C VAL A 254 17.31 -2.17 -11.85
N PRO A 255 16.74 -1.03 -11.41
CA PRO A 255 15.34 -1.01 -11.00
C PRO A 255 14.41 -0.64 -12.16
N LEU A 256 13.31 -1.37 -12.27
CA LEU A 256 12.24 -1.03 -13.27
C LEU A 256 11.05 -0.34 -12.60
N TYR A 257 11.25 0.05 -11.35
CA TYR A 257 10.28 0.84 -10.54
C TYR A 257 10.93 2.19 -10.21
N GLY A 258 10.13 3.10 -9.70
CA GLY A 258 10.63 4.38 -9.14
C GLY A 258 10.06 4.61 -7.76
N TYR A 259 10.66 5.55 -7.06
CA TYR A 259 10.14 5.98 -5.74
C TYR A 259 9.68 7.43 -5.87
N SER A 260 8.66 7.76 -5.08
CA SER A 260 8.10 9.14 -5.08
C SER A 260 7.92 9.65 -3.66
N TRP A 261 8.10 10.96 -3.55
CA TRP A 261 7.76 11.76 -2.35
C TRP A 261 6.72 12.81 -2.75
N LYS A 262 5.96 13.31 -1.78
CA LYS A 262 5.09 14.49 -2.03
C LYS A 262 5.57 15.68 -1.20
N GLY A 263 5.18 16.88 -1.62
CA GLY A 263 5.41 18.10 -0.79
C GLY A 263 6.89 18.39 -0.62
N CYS A 264 7.70 18.03 -1.60
CA CYS A 264 9.14 18.41 -1.58
C CYS A 264 9.28 19.89 -1.90
N ALA A 265 10.06 20.59 -1.08
CA ALA A 265 10.46 21.98 -1.39
C ALA A 265 11.17 21.97 -2.76
N ALA A 266 11.03 23.04 -3.54
CA ALA A 266 11.77 23.16 -4.83
C ALA A 266 13.25 23.40 -4.55
N GLY A 267 13.53 24.25 -3.57
CA GLY A 267 14.90 24.77 -3.39
C GLY A 267 15.40 25.35 -4.71
N GLU A 268 16.69 25.19 -5.00
N GLU A 268 16.71 25.22 -4.98
CA GLU A 268 17.25 25.64 -6.30
CA GLU A 268 17.28 25.64 -6.29
C GLU A 268 17.62 24.41 -7.14
C GLU A 268 17.59 24.42 -7.17
N ARG A 269 16.97 23.28 -6.87
CA ARG A 269 17.25 22.01 -7.59
C ARG A 269 15.98 21.34 -8.10
N ASN A 270 14.87 22.07 -8.24
CA ASN A 270 13.61 21.47 -8.75
C ASN A 270 13.29 20.20 -7.94
N GLY A 271 13.39 20.31 -6.61
CA GLY A 271 12.92 19.26 -5.68
C GLY A 271 13.96 18.23 -5.31
N GLU A 272 15.13 18.25 -5.96
CA GLU A 272 16.20 17.23 -5.73
C GLU A 272 16.94 17.51 -4.43
N TYR A 273 17.05 16.49 -3.56
CA TYR A 273 17.78 16.55 -2.26
C TYR A 273 17.12 17.56 -1.33
N GLN A 274 15.79 17.59 -1.37
CA GLN A 274 15.00 18.58 -0.60
C GLN A 274 14.16 17.87 0.44
N ASP A 275 13.76 18.61 1.48
CA ASP A 275 12.86 18.07 2.52
C ASP A 275 11.45 17.90 1.93
N CYS A 276 10.85 16.74 2.19
CA CYS A 276 9.50 16.41 1.65
C CYS A 276 8.50 16.11 2.78
N ASN A 277 7.28 15.80 2.37
CA ASN A 277 6.13 15.56 3.29
C ASN A 277 5.53 14.17 3.01
N GLY A 278 6.40 13.17 2.91
CA GLY A 278 5.95 11.77 2.89
C GLY A 278 5.92 11.19 1.49
N LYS A 279 5.38 9.98 1.36
CA LYS A 279 5.32 9.26 0.07
C LYS A 279 4.48 10.02 -0.96
N GLY A 280 4.90 9.94 -2.21
CA GLY A 280 4.11 10.49 -3.33
C GLY A 280 3.20 9.44 -3.94
N ARG A 281 2.64 9.76 -5.09
CA ARG A 281 1.72 8.80 -5.76
C ARG A 281 2.51 7.54 -6.16
N GLY A 282 1.80 6.42 -6.12
CA GLY A 282 2.38 5.13 -6.55
C GLY A 282 1.43 4.39 -7.47
N THR A 283 1.86 3.24 -7.91
CA THR A 283 1.04 2.36 -8.78
C THR A 283 0.23 1.43 -7.87
N TRP A 284 0.91 0.46 -7.28
CA TRP A 284 0.22 -0.59 -6.47
C TRP A 284 0.26 -0.26 -4.97
N GLU A 285 1.09 0.71 -4.60
CA GLU A 285 1.18 1.21 -3.21
C GLU A 285 1.75 2.61 -3.29
N ASP A 286 1.45 3.43 -2.31
CA ASP A 286 2.00 4.81 -2.30
C ASP A 286 3.53 4.76 -2.42
N GLY A 287 4.08 5.72 -3.13
CA GLY A 287 5.54 5.97 -3.11
C GLY A 287 6.36 5.03 -3.98
N ASN A 288 5.70 4.11 -4.68
CA ASN A 288 6.40 3.13 -5.55
C ASN A 288 5.66 3.09 -6.88
N LEU A 289 6.33 3.51 -7.95
CA LEU A 289 5.72 3.57 -9.30
C LEU A 289 6.34 2.50 -10.20
N ASP A 290 5.49 1.82 -10.96
CA ASP A 290 6.01 1.01 -12.09
C ASP A 290 6.59 1.96 -13.14
N PHE A 291 7.67 1.56 -13.81
CA PHE A 291 8.12 2.32 -15.01
C PHE A 291 6.95 2.53 -15.98
N THR A 292 6.10 1.52 -16.15
CA THR A 292 4.97 1.62 -17.13
C THR A 292 4.14 2.88 -16.82
N ASP A 293 3.87 3.07 -15.54
CA ASP A 293 3.01 4.17 -15.03
C ASP A 293 3.72 5.52 -15.23
N ILE A 294 4.99 5.59 -14.82
CA ILE A 294 5.81 6.80 -15.07
C ILE A 294 5.77 7.17 -16.55
N GLU A 295 6.07 6.20 -17.40
CA GLU A 295 6.15 6.41 -18.88
C GLU A 295 4.80 6.91 -19.41
N LYS A 296 3.70 6.29 -18.98
CA LYS A 296 2.37 6.62 -19.56
C LYS A 296 1.87 7.96 -19.01
N ASN A 297 2.08 8.20 -17.72
CA ASN A 297 1.30 9.23 -16.96
C ASN A 297 2.15 10.41 -16.49
N LEU A 298 3.48 10.25 -16.39
CA LEU A 298 4.27 11.28 -15.64
C LEU A 298 5.47 11.82 -16.43
N LEU A 299 6.05 11.06 -17.36
CA LEU A 299 7.41 11.42 -17.90
C LEU A 299 7.25 12.62 -18.85
N ASN A 300 7.52 13.83 -18.33
CA ASN A 300 7.27 15.09 -19.08
C ASN A 300 5.78 15.17 -19.43
N LYS A 301 4.93 14.80 -18.46
CA LYS A 301 3.46 14.73 -18.65
C LYS A 301 2.77 15.26 -17.40
N LYS A 302 1.64 15.93 -17.60
CA LYS A 302 0.66 16.19 -16.49
C LYS A 302 1.35 16.93 -15.33
N GLY A 303 2.17 17.92 -15.66
CA GLY A 303 2.79 18.81 -14.64
C GLY A 303 4.07 18.25 -14.04
N PHE A 304 4.43 17.02 -14.39
CA PHE A 304 5.75 16.42 -14.02
C PHE A 304 6.75 16.75 -15.12
N LYS A 305 7.86 17.37 -14.74
CA LYS A 305 8.96 17.74 -15.68
C LYS A 305 10.18 16.88 -15.37
N ARG A 306 10.84 16.42 -16.44
CA ARG A 306 12.09 15.63 -16.32
C ARG A 306 13.29 16.54 -16.17
N TYR A 307 14.15 16.19 -15.23
CA TYR A 307 15.47 16.86 -15.03
C TYR A 307 16.55 15.80 -15.07
N TRP A 308 17.75 16.23 -15.43
CA TRP A 308 18.93 15.34 -15.49
C TRP A 308 20.01 15.88 -14.57
N ASN A 309 20.49 15.04 -13.65
CA ASN A 309 21.66 15.36 -12.83
C ASN A 309 22.90 14.80 -13.53
N ASP A 310 23.75 15.68 -14.05
CA ASP A 310 24.89 15.24 -14.92
C ASP A 310 26.11 14.84 -14.08
N THR A 311 26.01 14.91 -12.75
CA THR A 311 27.06 14.35 -11.85
C THR A 311 26.67 12.91 -11.50
N ALA A 312 25.50 12.76 -10.90
CA ALA A 312 24.96 11.43 -10.51
C ALA A 312 24.70 10.56 -11.73
N LYS A 313 24.44 11.20 -12.88
CA LYS A 313 23.97 10.54 -14.13
C LYS A 313 22.63 9.84 -13.83
N ALA A 314 21.68 10.63 -13.37
CA ALA A 314 20.33 10.14 -13.00
C ALA A 314 19.28 11.18 -13.39
N ALA A 315 18.16 10.69 -13.86
CA ALA A 315 16.99 11.55 -14.17
C ALA A 315 16.01 11.55 -13.02
N TYR A 316 15.26 12.63 -12.91
CA TYR A 316 14.15 12.70 -11.92
C TYR A 316 13.00 13.49 -12.53
N LEU A 317 11.83 13.29 -11.94
CA LEU A 317 10.65 14.11 -12.30
C LEU A 317 10.28 14.99 -11.11
N TYR A 318 9.82 16.19 -11.39
CA TYR A 318 9.29 17.07 -10.31
C TYR A 318 8.02 17.75 -10.80
N ASN A 319 6.99 17.67 -9.97
CA ASN A 319 5.73 18.41 -10.18
C ASN A 319 5.74 19.59 -9.21
N ALA A 320 5.95 20.79 -9.74
CA ALA A 320 6.10 21.99 -8.86
C ALA A 320 4.77 22.29 -8.14
N GLU A 321 3.65 21.90 -8.73
CA GLU A 321 2.31 22.19 -8.15
C GLU A 321 2.11 21.38 -6.85
N THR A 322 2.44 20.10 -6.90
CA THR A 322 2.21 19.15 -5.76
C THR A 322 3.49 18.91 -4.95
N GLY A 323 4.63 19.39 -5.45
CA GLY A 323 5.94 19.07 -4.85
C GLY A 323 6.29 17.60 -4.95
N GLU A 324 5.63 16.85 -5.83
CA GLU A 324 5.96 15.40 -5.97
C GLU A 324 7.27 15.26 -6.75
N PHE A 325 8.17 14.46 -6.18
CA PHE A 325 9.49 14.14 -6.76
C PHE A 325 9.52 12.65 -7.08
N VAL A 326 9.96 12.30 -8.28
CA VAL A 326 10.09 10.87 -8.68
C VAL A 326 11.52 10.55 -9.07
N THR A 327 12.08 9.55 -8.40
CA THR A 327 13.35 8.93 -8.85
C THR A 327 13.00 7.68 -9.64
N TYR A 328 13.60 7.53 -10.82
CA TYR A 328 13.31 6.36 -11.69
C TYR A 328 14.50 6.13 -12.61
N GLU A 329 14.50 4.99 -13.29
CA GLU A 329 15.61 4.62 -14.20
C GLU A 329 15.28 5.12 -15.61
N ASP A 330 15.97 6.18 -16.02
CA ASP A 330 15.77 6.74 -17.37
C ASP A 330 16.69 6.01 -18.35
N PRO A 331 16.26 5.80 -19.63
CA PRO A 331 17.17 5.25 -20.63
C PRO A 331 18.55 5.92 -20.71
N GLN A 332 18.62 7.23 -20.46
CA GLN A 332 19.94 7.94 -20.53
C GLN A 332 20.90 7.34 -19.49
N ALA A 333 20.39 7.10 -18.29
CA ALA A 333 21.20 6.50 -17.18
C ALA A 333 21.49 5.03 -17.50
N LEU A 334 20.48 4.32 -17.98
CA LEU A 334 20.64 2.85 -18.19
C LEU A 334 21.69 2.59 -19.28
N LYS A 335 21.72 3.44 -20.32
CA LYS A 335 22.74 3.25 -21.39
C LYS A 335 24.15 3.39 -20.80
N ILE A 336 24.34 4.35 -19.88
CA ILE A 336 25.66 4.54 -19.22
C ILE A 336 26.03 3.27 -18.45
N LYS A 337 25.05 2.67 -17.77
CA LYS A 337 25.32 1.44 -16.97
C LYS A 337 25.65 0.26 -17.88
N LEU A 338 24.98 0.17 -19.02
CA LEU A 338 25.23 -0.98 -19.94
C LEU A 338 26.62 -0.83 -20.58
N ASP A 339 27.00 0.39 -20.93
CA ASP A 339 28.39 0.62 -21.43
C ASP A 339 29.40 0.25 -20.33
N TYR A 340 29.08 0.58 -19.09
CA TYR A 340 29.99 0.32 -17.93
C TYR A 340 30.19 -1.18 -17.74
N ILE A 341 29.08 -1.93 -17.80
CA ILE A 341 29.14 -3.43 -17.75
C ILE A 341 30.17 -3.93 -18.76
N LYS A 342 30.08 -3.44 -19.99
CA LYS A 342 30.98 -3.93 -21.07
C LYS A 342 32.43 -3.50 -20.79
N SER A 343 32.61 -2.26 -20.34
N SER A 343 32.60 -2.26 -20.36
CA SER A 343 33.96 -1.64 -20.12
CA SER A 343 33.95 -1.66 -20.12
C SER A 343 34.72 -2.36 -18.99
C SER A 343 34.71 -2.44 -19.03
N LYS A 344 33.97 -2.87 -18.00
CA LYS A 344 34.58 -3.54 -16.81
C LYS A 344 34.59 -5.07 -16.96
N GLY A 345 34.02 -5.60 -18.04
CA GLY A 345 33.95 -7.07 -18.24
C GLY A 345 33.03 -7.73 -17.23
N LEU A 346 31.95 -7.04 -16.86
CA LEU A 346 31.04 -7.58 -15.83
C LEU A 346 30.13 -8.67 -16.41
N GLY A 347 29.34 -9.30 -15.54
CA GLY A 347 28.61 -10.54 -15.86
C GLY A 347 27.31 -10.30 -16.59
N GLY A 348 26.88 -9.04 -16.66
CA GLY A 348 25.61 -8.65 -17.32
C GLY A 348 24.77 -7.79 -16.41
N ALA A 349 23.46 -7.82 -16.63
CA ALA A 349 22.50 -6.98 -15.89
C ALA A 349 21.43 -7.87 -15.26
N MET A 350 20.94 -7.39 -14.13
CA MET A 350 19.78 -8.00 -13.44
C MET A 350 18.74 -6.90 -13.24
N TYR A 351 17.47 -7.24 -13.18
CA TYR A 351 16.48 -6.19 -12.87
C TYR A 351 15.32 -6.70 -12.01
N TRP A 352 14.92 -5.79 -11.13
CA TRP A 352 13.69 -5.90 -10.29
C TRP A 352 12.68 -4.88 -10.79
N GLU A 353 11.56 -5.30 -11.40
CA GLU A 353 11.17 -6.65 -11.74
C GLU A 353 10.38 -6.55 -13.05
N ILE A 354 10.25 -7.66 -13.77
CA ILE A 354 9.87 -7.61 -15.21
C ILE A 354 8.44 -7.10 -15.41
N THR A 355 7.55 -7.24 -14.42
CA THR A 355 6.13 -6.82 -14.63
C THR A 355 6.03 -5.30 -14.69
N ALA A 356 7.05 -4.58 -14.24
CA ALA A 356 6.97 -3.12 -14.00
C ALA A 356 7.25 -2.30 -15.26
N ASP A 357 7.54 -2.96 -16.38
CA ASP A 357 7.87 -2.26 -17.66
C ASP A 357 7.10 -2.93 -18.81
N ARG A 358 5.81 -2.64 -18.94
CA ARG A 358 4.92 -3.41 -19.86
C ARG A 358 5.29 -3.14 -21.33
N LYS A 359 5.77 -1.93 -21.65
CA LYS A 359 6.16 -1.60 -23.05
C LYS A 359 7.58 -2.10 -23.32
N GLN A 360 8.25 -2.64 -22.31
CA GLN A 360 9.63 -3.21 -22.43
CA GLN A 360 9.62 -3.21 -22.44
C GLN A 360 10.59 -2.13 -22.92
N THR A 361 10.38 -0.88 -22.48
CA THR A 361 11.30 0.23 -22.84
C THR A 361 12.71 -0.05 -22.29
N LEU A 362 12.79 -0.37 -20.99
CA LEU A 362 14.10 -0.66 -20.34
C LEU A 362 14.51 -2.12 -20.67
N VAL A 363 13.53 -3.02 -20.63
CA VAL A 363 13.78 -4.46 -20.96
C VAL A 363 14.45 -4.56 -22.33
N ASN A 364 13.95 -3.83 -23.31
CA ASN A 364 14.46 -3.97 -24.71
C ASN A 364 15.84 -3.33 -24.83
N LEU A 365 16.07 -2.22 -24.14
CA LEU A 365 17.41 -1.56 -24.19
C LEU A 365 18.45 -2.54 -23.62
N ILE A 366 18.15 -3.15 -22.48
CA ILE A 366 19.10 -4.11 -21.84
C ILE A 366 19.37 -5.28 -22.82
N ALA A 367 18.31 -5.85 -23.38
CA ALA A 367 18.46 -7.02 -24.30
C ALA A 367 19.25 -6.60 -25.54
N ASP A 368 18.93 -5.45 -26.10
CA ASP A 368 19.59 -4.94 -27.34
CA ASP A 368 19.60 -4.98 -27.35
C ASP A 368 21.09 -4.77 -27.09
N GLU A 369 21.45 -4.24 -25.93
CA GLU A 369 22.88 -3.92 -25.65
C GLU A 369 23.67 -5.17 -25.26
N LEU A 370 23.06 -6.14 -24.56
CA LEU A 370 23.83 -7.25 -23.92
C LEU A 370 23.66 -8.58 -24.64
N LEU A 371 22.58 -8.77 -25.39
CA LEU A 371 22.30 -10.10 -26.02
C LEU A 371 22.52 -10.01 -27.54
N THR A 372 22.96 -11.11 -28.13
CA THR A 372 23.27 -11.28 -29.60
C THR A 372 24.00 -12.61 -29.81
N GLY B 1 -39.69 5.96 -3.43
CA GLY B 1 -38.37 6.41 -3.96
C GLY B 1 -37.83 7.61 -3.20
N GLY B 2 -37.17 8.52 -3.92
CA GLY B 2 -36.44 9.69 -3.34
C GLY B 2 -37.37 10.82 -2.94
N SER B 3 -38.57 10.84 -3.53
CA SER B 3 -39.61 11.88 -3.24
C SER B 3 -40.23 11.61 -1.86
N GLY B 4 -40.46 12.68 -1.10
CA GLY B 4 -41.09 12.58 0.23
C GLY B 4 -40.07 12.52 1.34
N GLY B 5 -40.41 13.14 2.47
CA GLY B 5 -39.52 13.16 3.65
C GLY B 5 -38.31 14.03 3.39
N SER B 6 -37.35 13.90 4.29
CA SER B 6 -36.10 14.70 4.32
C SER B 6 -34.95 13.83 4.77
N TYR B 7 -33.98 13.62 3.89
CA TYR B 7 -32.81 12.75 4.15
C TYR B 7 -31.53 13.44 3.71
N ARG B 8 -30.48 13.19 4.48
CA ARG B 8 -29.13 13.71 4.14
C ARG B 8 -28.40 12.69 3.29
N VAL B 9 -27.50 13.19 2.46
CA VAL B 9 -26.50 12.34 1.77
C VAL B 9 -25.15 12.99 1.96
N VAL B 10 -24.37 12.35 2.82
CA VAL B 10 -23.09 12.92 3.35
C VAL B 10 -21.93 12.18 2.70
N ALA B 11 -21.25 12.85 1.77
CA ALA B 11 -20.14 12.22 1.03
C ALA B 11 -18.80 12.69 1.59
N TYR B 12 -17.95 11.75 2.00
CA TYR B 12 -16.54 12.10 2.31
C TYR B 12 -15.78 12.27 1.01
N TYR B 13 -15.06 13.39 0.93
CA TYR B 13 -14.04 13.62 -0.12
C TYR B 13 -12.67 13.59 0.55
N ILE B 14 -11.77 12.77 0.02
CA ILE B 14 -10.40 12.60 0.58
C ILE B 14 -9.44 13.58 -0.11
N SER B 15 -8.68 14.33 0.67
CA SER B 15 -7.76 15.35 0.09
C SER B 15 -6.79 14.66 -0.88
N TRP B 16 -6.36 13.45 -0.52
CA TRP B 16 -5.35 12.71 -1.31
C TRP B 16 -5.96 12.15 -2.61
N GLY B 17 -7.26 12.33 -2.83
CA GLY B 17 -7.87 12.12 -4.16
C GLY B 17 -7.13 12.91 -5.23
N ALA B 18 -6.54 14.04 -4.84
CA ALA B 18 -5.92 15.00 -5.78
C ALA B 18 -4.52 14.53 -6.23
N TYR B 19 -4.07 13.36 -5.78
CA TYR B 19 -2.76 12.77 -6.24
C TYR B 19 -3.03 11.76 -7.35
N GLY B 20 -2.54 10.53 -7.22
CA GLY B 20 -2.62 9.54 -8.31
C GLY B 20 -4.06 9.18 -8.67
N ARG B 21 -4.98 9.27 -7.72
CA ARG B 21 -6.41 9.02 -8.03
C ARG B 21 -6.93 10.05 -9.05
N SER B 22 -6.32 11.23 -9.10
CA SER B 22 -6.72 12.28 -10.09
C SER B 22 -8.22 12.54 -10.01
N TYR B 23 -8.74 12.64 -8.79
CA TYR B 23 -10.18 12.94 -8.54
C TYR B 23 -10.23 14.16 -7.64
N PHE B 24 -10.71 15.26 -8.20
CA PHE B 24 -10.70 16.61 -7.56
C PHE B 24 -12.11 17.01 -7.20
N PRO B 25 -12.30 18.07 -6.39
CA PRO B 25 -13.67 18.55 -6.15
C PRO B 25 -14.42 18.88 -7.46
N SER B 26 -13.69 19.28 -8.49
CA SER B 26 -14.28 19.57 -9.83
C SER B 26 -14.97 18.33 -10.41
N ASP B 27 -14.61 17.14 -9.93
CA ASP B 27 -15.18 15.86 -10.47
C ASP B 27 -16.45 15.45 -9.72
N ILE B 28 -16.73 16.10 -8.60
CA ILE B 28 -17.89 15.68 -7.75
C ILE B 28 -19.19 16.08 -8.44
N ASP B 29 -20.14 15.17 -8.44
CA ASP B 29 -21.53 15.46 -8.87
C ASP B 29 -22.32 16.01 -7.69
N TYR B 30 -22.34 17.32 -7.50
CA TYR B 30 -22.89 17.93 -6.24
C TYR B 30 -24.41 17.75 -6.17
N SER B 31 -25.06 17.44 -7.30
CA SER B 31 -26.52 17.14 -7.33
C SER B 31 -26.82 15.86 -6.53
N LYS B 32 -25.80 15.04 -6.30
CA LYS B 32 -25.99 13.69 -5.69
C LYS B 32 -25.81 13.73 -4.16
N VAL B 33 -25.54 14.90 -3.59
CA VAL B 33 -25.21 14.99 -2.13
C VAL B 33 -25.97 16.14 -1.50
N THR B 34 -26.06 16.09 -0.17
CA THR B 34 -26.44 17.30 0.63
C THR B 34 -25.19 17.91 1.25
N HIS B 35 -24.22 17.07 1.59
CA HIS B 35 -23.02 17.51 2.33
C HIS B 35 -21.77 16.87 1.74
N ILE B 36 -20.69 17.64 1.71
CA ILE B 36 -19.32 17.08 1.52
C ILE B 36 -18.59 17.23 2.85
N ASN B 37 -18.05 16.12 3.34
CA ASN B 37 -17.11 16.16 4.48
C ASN B 37 -15.69 16.07 3.92
N TYR B 38 -14.87 17.07 4.19
CA TYR B 38 -13.48 17.09 3.68
C TYR B 38 -12.55 16.38 4.65
N ALA B 39 -12.02 15.25 4.20
CA ALA B 39 -11.09 14.42 5.02
C ALA B 39 -9.67 14.76 4.60
N PHE B 40 -8.86 15.39 5.46
CA PHE B 40 -9.09 15.75 6.86
C PHE B 40 -8.32 17.04 7.18
N ALA B 41 -8.72 17.68 8.27
CA ALA B 41 -7.85 18.62 9.02
C ALA B 41 -7.11 17.86 10.12
N ASN B 42 -5.92 18.33 10.44
CA ASN B 42 -5.10 17.76 11.53
C ASN B 42 -5.28 18.62 12.79
N ILE B 43 -4.64 18.19 13.88
CA ILE B 43 -4.58 18.99 15.13
C ILE B 43 -3.10 19.22 15.41
N LYS B 44 -2.72 20.48 15.62
CA LYS B 44 -1.33 20.81 16.01
C LYS B 44 -1.39 21.82 17.16
N ASP B 45 -0.69 21.50 18.25
N ASP B 45 -0.69 21.51 18.26
CA ASP B 45 -0.66 22.32 19.50
CA ASP B 45 -0.67 22.37 19.47
C ASP B 45 -2.08 22.72 19.89
C ASP B 45 -2.10 22.74 19.87
N GLY B 46 -3.01 21.76 19.81
CA GLY B 46 -4.40 21.91 20.29
C GLY B 46 -5.29 22.71 19.35
N GLU B 47 -4.84 22.93 18.12
CA GLU B 47 -5.64 23.73 17.14
C GLU B 47 -5.89 22.93 15.88
N VAL B 48 -7.05 23.18 15.27
CA VAL B 48 -7.40 22.65 13.92
C VAL B 48 -6.47 23.29 12.91
N VAL B 49 -5.77 22.47 12.11
CA VAL B 49 -4.78 22.99 11.13
C VAL B 49 -4.97 22.28 9.80
N VAL B 50 -4.51 22.93 8.74
CA VAL B 50 -4.50 22.32 7.38
C VAL B 50 -3.78 20.97 7.43
N GLY B 51 -4.43 19.93 6.92
CA GLY B 51 -3.84 18.57 6.90
C GLY B 51 -2.73 18.41 5.86
N ASP B 52 -2.94 18.99 4.68
CA ASP B 52 -1.98 18.76 3.56
C ASP B 52 -1.87 20.03 2.73
N PRO B 53 -0.86 20.89 2.98
CA PRO B 53 -0.71 22.12 2.22
C PRO B 53 -0.48 21.93 0.71
N GLY B 54 -0.16 20.71 0.30
CA GLY B 54 0.10 20.42 -1.13
C GLY B 54 -1.17 20.35 -1.94
N VAL B 55 -2.31 20.14 -1.29
CA VAL B 55 -3.61 19.98 -2.02
C VAL B 55 -4.75 20.77 -1.39
N ASP B 56 -4.62 21.21 -0.14
CA ASP B 56 -5.77 21.80 0.60
C ASP B 56 -5.87 23.30 0.27
N ASP B 57 -4.96 24.08 0.82
CA ASP B 57 -4.95 25.56 0.70
C ASP B 57 -3.84 26.02 -0.25
N GLY B 58 -3.22 25.06 -0.93
CA GLY B 58 -2.15 25.33 -1.89
C GLY B 58 -2.08 24.22 -2.91
N GLY B 59 -1.15 24.33 -3.87
CA GLY B 59 -0.93 23.27 -4.86
C GLY B 59 -2.18 23.00 -5.69
N LYS B 60 -2.81 21.85 -5.49
CA LYS B 60 -4.08 21.54 -6.22
C LYS B 60 -5.23 22.45 -5.74
N ASN B 61 -5.12 23.04 -4.54
CA ASN B 61 -6.12 24.06 -4.09
C ASN B 61 -7.54 23.47 -4.09
N ASN B 62 -7.69 22.33 -3.43
CA ASN B 62 -9.03 21.72 -3.26
C ASN B 62 -9.98 22.68 -2.55
N PHE B 63 -9.49 23.47 -1.61
CA PHE B 63 -10.41 24.39 -0.86
C PHE B 63 -11.01 25.44 -1.82
N THR B 64 -10.18 26.02 -2.67
CA THR B 64 -10.70 26.98 -3.70
C THR B 64 -11.80 26.31 -4.52
N ALA B 65 -11.57 25.07 -4.91
CA ALA B 65 -12.51 24.30 -5.77
C ALA B 65 -13.83 24.06 -5.03
N LEU B 66 -13.77 23.82 -3.73
CA LEU B 66 -15.01 23.58 -2.92
C LEU B 66 -15.79 24.90 -2.76
N ARG B 67 -15.09 26.03 -2.64
CA ARG B 67 -15.78 27.35 -2.56
C ARG B 67 -16.47 27.62 -3.90
N LYS B 68 -15.79 27.30 -5.00
CA LYS B 68 -16.35 27.43 -6.37
C LYS B 68 -17.62 26.57 -6.47
N ALA B 69 -17.56 25.37 -5.95
CA ALA B 69 -18.73 24.44 -5.97
C ALA B 69 -19.91 25.05 -5.20
N LYS B 70 -19.62 25.64 -4.04
CA LYS B 70 -20.69 26.27 -3.20
C LYS B 70 -21.40 27.38 -3.98
N LYS B 71 -20.64 28.15 -4.75
CA LYS B 71 -21.23 29.28 -5.53
C LYS B 71 -22.15 28.72 -6.62
N ALA B 72 -21.73 27.62 -7.25
CA ALA B 72 -22.46 26.96 -8.37
C ALA B 72 -23.66 26.18 -7.84
N HIS B 73 -23.58 25.75 -6.57
CA HIS B 73 -24.60 24.86 -5.92
C HIS B 73 -25.02 25.43 -4.58
N PRO B 74 -25.96 26.40 -4.55
CA PRO B 74 -26.40 27.00 -3.28
C PRO B 74 -26.89 26.00 -2.23
N HIS B 75 -27.36 24.83 -2.65
CA HIS B 75 -27.82 23.78 -1.68
C HIS B 75 -26.64 23.25 -0.86
N LEU B 76 -25.45 23.27 -1.44
CA LEU B 76 -24.31 22.47 -0.92
C LEU B 76 -23.87 22.97 0.45
N ARG B 77 -23.60 22.02 1.35
CA ARG B 77 -22.95 22.32 2.64
C ARG B 77 -21.63 21.56 2.69
N ASN B 78 -20.54 22.28 2.90
CA ASN B 78 -19.19 21.65 2.99
C ASN B 78 -18.71 21.73 4.43
N LEU B 79 -18.35 20.59 5.00
N LEU B 79 -18.30 20.59 4.99
CA LEU B 79 -17.84 20.55 6.41
CA LEU B 79 -17.82 20.55 6.39
C LEU B 79 -16.37 20.13 6.37
C LEU B 79 -16.37 20.08 6.40
N ILE B 80 -15.56 20.65 7.30
CA ILE B 80 -14.18 20.14 7.50
C ILE B 80 -14.25 18.99 8.51
N SER B 81 -13.72 17.84 8.12
N SER B 81 -13.77 17.81 8.10
CA SER B 81 -13.61 16.66 9.03
CA SER B 81 -13.61 16.67 9.04
C SER B 81 -12.26 16.69 9.74
C SER B 81 -12.26 16.81 9.73
N VAL B 82 -12.29 16.81 11.07
CA VAL B 82 -11.05 16.91 11.89
C VAL B 82 -10.74 15.53 12.46
N GLY B 83 -9.53 15.05 12.21
CA GLY B 83 -9.03 13.82 12.84
C GLY B 83 -8.98 12.67 11.87
N GLY B 84 -9.83 11.66 12.11
CA GLY B 84 -9.74 10.39 11.38
C GLY B 84 -8.74 9.45 12.01
N TRP B 85 -8.52 8.32 11.36
CA TRP B 85 -7.74 7.22 12.00
C TRP B 85 -6.34 7.73 12.37
N SER B 86 -5.70 8.45 11.44
CA SER B 86 -4.26 8.82 11.52
C SER B 86 -4.03 10.06 12.40
N TRP B 87 -4.99 10.98 12.42
CA TRP B 87 -4.79 12.34 13.01
C TRP B 87 -5.70 12.59 14.22
N SER B 88 -5.98 11.56 15.00
CA SER B 88 -6.84 11.72 16.23
C SER B 88 -6.00 11.94 17.50
N SER B 89 -4.68 11.85 17.42
CA SER B 89 -3.82 11.76 18.64
C SER B 89 -3.88 13.06 19.48
N GLY B 90 -4.33 14.18 18.89
CA GLY B 90 -4.43 15.47 19.62
C GLY B 90 -5.74 15.68 20.36
N PHE B 91 -6.75 14.85 20.12
CA PHE B 91 -8.11 15.13 20.69
C PHE B 91 -8.12 15.08 22.22
N SER B 92 -7.52 14.05 22.80
CA SER B 92 -7.65 13.83 24.27
C SER B 92 -7.18 15.09 25.02
N ASP B 93 -6.04 15.64 24.61
CA ASP B 93 -5.49 16.87 25.25
C ASP B 93 -6.33 18.11 24.91
N ALA B 94 -6.76 18.23 23.65
CA ALA B 94 -7.58 19.40 23.20
C ALA B 94 -8.90 19.48 24.00
N ALA B 95 -9.40 18.33 24.47
CA ALA B 95 -10.72 18.23 25.14
C ALA B 95 -10.62 18.35 26.66
N ALA B 96 -9.40 18.41 27.20
CA ALA B 96 -9.11 18.02 28.61
C ALA B 96 -9.38 19.17 29.61
N THR B 97 -9.36 20.42 29.16
CA THR B 97 -9.55 21.60 30.08
C THR B 97 -10.45 22.64 29.43
N PRO B 98 -11.10 23.57 30.18
CA PRO B 98 -11.87 24.63 29.52
C PRO B 98 -11.01 25.46 28.56
N GLU B 99 -9.75 25.72 28.95
CA GLU B 99 -8.82 26.54 28.12
CA GLU B 99 -8.81 26.54 28.13
C GLU B 99 -8.49 25.79 26.83
N ALA B 100 -8.17 24.50 26.94
CA ALA B 100 -7.88 23.66 25.74
C ALA B 100 -9.11 23.59 24.84
N ARG B 101 -10.28 23.40 25.45
CA ARG B 101 -11.51 23.26 24.62
C ARG B 101 -11.81 24.56 23.88
N LYS B 102 -11.65 25.68 24.57
CA LYS B 102 -11.91 27.01 23.94
C LYS B 102 -10.87 27.28 22.84
N ARG B 103 -9.61 26.94 23.11
CA ARG B 103 -8.52 27.10 22.09
C ARG B 103 -8.88 26.29 20.84
N PHE B 104 -9.30 25.05 21.04
CA PHE B 104 -9.67 24.17 19.89
C PHE B 104 -10.88 24.76 19.15
N ALA B 105 -11.94 25.08 19.90
CA ALA B 105 -13.20 25.60 19.30
C ALA B 105 -12.92 26.89 18.53
N ASP B 106 -12.16 27.81 19.11
CA ASP B 106 -11.85 29.11 18.45
C ASP B 106 -11.06 28.84 17.16
N SER B 107 -10.17 27.86 17.19
CA SER B 107 -9.35 27.49 15.99
C SER B 107 -10.24 26.88 14.91
N ALA B 108 -11.27 26.13 15.32
CA ALA B 108 -12.22 25.52 14.35
C ALA B 108 -13.04 26.63 13.67
N VAL B 109 -13.50 27.60 14.46
CA VAL B 109 -14.23 28.77 13.89
C VAL B 109 -13.31 29.53 12.93
N ALA B 110 -12.07 29.77 13.33
CA ALA B 110 -11.12 30.53 12.46
C ALA B 110 -10.92 29.75 11.14
N PHE B 111 -10.77 28.44 11.26
CA PHE B 111 -10.51 27.57 10.08
C PHE B 111 -11.67 27.67 9.09
N ILE B 112 -12.90 27.52 9.58
CA ILE B 112 -14.06 27.47 8.62
C ILE B 112 -14.27 28.86 8.01
N ARG B 113 -14.01 29.91 8.78
CA ARG B 113 -14.08 31.29 8.24
C ARG B 113 -12.98 31.49 7.18
N LYS B 114 -11.80 30.95 7.44
CA LYS B 114 -10.62 31.19 6.56
C LYS B 114 -10.83 30.50 5.22
N TYR B 115 -11.41 29.31 5.24
CA TYR B 115 -11.39 28.40 4.05
C TYR B 115 -12.77 28.22 3.43
N GLY B 116 -13.80 28.81 4.02
CA GLY B 116 -15.15 28.83 3.39
C GLY B 116 -15.95 27.57 3.66
N PHE B 117 -15.74 26.98 4.83
CA PHE B 117 -16.54 25.79 5.25
C PHE B 117 -17.80 26.22 6.01
N ASP B 118 -18.78 25.32 5.98
CA ASP B 118 -20.13 25.53 6.58
C ASP B 118 -20.23 24.86 7.94
N GLY B 119 -19.14 24.29 8.44
CA GLY B 119 -19.20 23.65 9.74
C GLY B 119 -18.09 22.64 9.91
N VAL B 120 -18.21 21.87 10.98
CA VAL B 120 -17.11 21.03 11.50
C VAL B 120 -17.65 19.63 11.78
N ASP B 121 -16.91 18.64 11.30
CA ASP B 121 -17.21 17.21 11.56
C ASP B 121 -16.09 16.66 12.43
N ILE B 122 -16.44 16.18 13.62
CA ILE B 122 -15.44 15.66 14.59
C ILE B 122 -15.28 14.16 14.37
N ASP B 123 -14.10 13.76 13.93
CA ASP B 123 -13.79 12.31 13.65
CA ASP B 123 -13.76 12.33 13.63
C ASP B 123 -12.72 11.87 14.65
N TRP B 124 -13.12 11.79 15.91
CA TRP B 124 -12.23 11.37 17.02
C TRP B 124 -12.26 9.84 17.08
N GLU B 125 -11.13 9.22 16.75
CA GLU B 125 -11.05 7.72 16.70
C GLU B 125 -10.06 7.24 17.75
N TYR B 126 -10.49 6.86 18.97
CA TYR B 126 -11.82 7.01 19.54
C TYR B 126 -11.65 7.40 21.01
N PRO B 127 -12.66 8.04 21.65
CA PRO B 127 -12.56 8.34 23.08
C PRO B 127 -12.33 7.10 23.97
N VAL B 128 -11.43 7.25 24.94
CA VAL B 128 -11.16 6.27 26.05
C VAL B 128 -10.34 5.09 25.52
N GLU B 129 -10.79 4.46 24.44
CA GLU B 129 -10.05 3.29 23.89
C GLU B 129 -10.32 3.16 22.39
N GLY B 130 -9.35 2.56 21.70
CA GLY B 130 -9.48 2.28 20.26
C GLY B 130 -8.80 3.32 19.41
N GLY B 131 -8.49 2.95 18.17
CA GLY B 131 -7.81 3.84 17.23
C GLY B 131 -6.40 3.38 16.94
N ALA B 132 -5.62 4.30 16.40
CA ALA B 132 -4.23 4.04 15.90
C ALA B 132 -3.31 3.67 17.07
N GLU B 133 -2.20 2.99 16.77
CA GLU B 133 -1.17 2.65 17.79
C GLU B 133 -0.74 3.95 18.50
N ASN B 134 -0.64 5.05 17.73
CA ASN B 134 -0.15 6.37 18.21
C ASN B 134 -1.17 7.07 19.13
N MET B 135 -2.36 6.49 19.29
CA MET B 135 -3.53 7.24 19.85
C MET B 135 -3.34 7.46 21.36
N LYS B 136 -3.67 8.67 21.81
CA LYS B 136 -3.65 9.07 23.25
C LYS B 136 -5.08 9.02 23.79
N HIS B 137 -5.23 8.48 24.99
CA HIS B 137 -6.56 8.34 25.66
C HIS B 137 -6.47 8.73 27.12
N ARG B 138 -7.63 9.07 27.68
CA ARG B 138 -7.82 9.20 29.15
C ARG B 138 -9.20 8.66 29.48
N PRO B 139 -9.43 8.06 30.67
CA PRO B 139 -10.80 7.72 31.04
C PRO B 139 -11.77 8.91 30.93
N GLU B 140 -11.27 10.11 31.22
CA GLU B 140 -12.08 11.37 31.25
C GLU B 140 -12.49 11.77 29.83
N ASP B 141 -11.95 11.11 28.80
CA ASP B 141 -12.41 11.35 27.41
C ASP B 141 -13.94 11.19 27.34
N LYS B 142 -14.49 10.30 28.16
CA LYS B 142 -15.95 10.04 28.13
C LYS B 142 -16.71 11.35 28.41
N GLN B 143 -16.33 12.09 29.44
CA GLN B 143 -17.01 13.39 29.74
C GLN B 143 -16.47 14.49 28.82
N ASN B 144 -15.20 14.40 28.47
CA ASN B 144 -14.53 15.53 27.75
C ASN B 144 -15.04 15.63 26.30
N TYR B 145 -15.44 14.51 25.71
CA TYR B 145 -16.07 14.51 24.37
C TYR B 145 -17.33 15.39 24.43
N THR B 146 -18.11 15.23 25.50
CA THR B 146 -19.34 16.03 25.71
C THR B 146 -18.96 17.51 25.82
N LEU B 147 -17.96 17.80 26.65
CA LEU B 147 -17.62 19.21 26.95
C LEU B 147 -17.00 19.86 25.70
N LEU B 148 -16.20 19.11 24.95
CA LEU B 148 -15.60 19.68 23.71
C LEU B 148 -16.72 19.98 22.71
N THR B 149 -17.67 19.06 22.60
CA THR B 149 -18.82 19.22 21.68
C THR B 149 -19.59 20.50 22.06
N ARG B 150 -19.82 20.69 23.36
CA ARG B 150 -20.57 21.89 23.87
C ARG B 150 -19.79 23.17 23.53
N SER B 151 -18.49 23.16 23.79
N SER B 151 -18.49 23.14 23.79
CA SER B 151 -17.60 24.32 23.48
CA SER B 151 -17.56 24.29 23.49
C SER B 151 -17.70 24.64 21.98
C SER B 151 -17.65 24.64 21.99
N LEU B 152 -17.64 23.61 21.14
CA LEU B 152 -17.75 23.80 19.66
C LEU B 152 -19.13 24.37 19.31
N ARG B 153 -20.18 23.81 19.87
CA ARG B 153 -21.56 24.25 19.52
C ARG B 153 -21.72 25.73 19.90
N GLU B 154 -21.26 26.10 21.10
CA GLU B 154 -21.34 27.51 21.58
C GLU B 154 -20.54 28.43 20.65
N ALA B 155 -19.31 28.04 20.32
CA ALA B 155 -18.44 28.88 19.47
C ALA B 155 -19.05 29.04 18.08
N LEU B 156 -19.61 27.95 17.55
CA LEU B 156 -20.20 27.97 16.18
C LEU B 156 -21.51 28.76 16.18
N ASP B 157 -22.26 28.70 17.28
CA ASP B 157 -23.52 29.51 17.40
C ASP B 157 -23.15 31.00 17.38
N THR B 158 -22.15 31.36 18.18
CA THR B 158 -21.71 32.78 18.33
C THR B 158 -21.18 33.28 16.99
N ALA B 159 -20.35 32.48 16.34
CA ALA B 159 -19.74 32.87 15.04
C ALA B 159 -20.82 32.98 13.96
N GLY B 160 -21.76 32.05 13.94
CA GLY B 160 -22.88 32.11 12.96
C GLY B 160 -23.71 33.38 13.11
N LYS B 161 -24.00 33.78 14.34
CA LYS B 161 -24.76 35.05 14.59
C LYS B 161 -23.95 36.22 14.01
N ALA B 162 -22.64 36.22 14.23
CA ALA B 162 -21.75 37.31 13.76
C ALA B 162 -21.64 37.32 12.23
N ASP B 163 -21.81 36.15 11.59
CA ASP B 163 -21.51 35.98 10.14
C ASP B 163 -22.80 35.90 9.31
N GLY B 164 -23.97 35.90 9.96
CA GLY B 164 -25.26 35.84 9.22
C GLY B 164 -25.44 34.51 8.52
N LYS B 165 -24.96 33.43 9.14
CA LYS B 165 -25.18 32.07 8.58
C LYS B 165 -25.21 31.06 9.71
N TYR B 166 -25.61 29.84 9.36
CA TYR B 166 -25.63 28.71 10.32
C TYR B 166 -24.43 27.82 10.03
N TYR B 167 -23.69 27.51 11.09
CA TYR B 167 -22.57 26.54 11.03
C TYR B 167 -22.99 25.22 11.67
N GLU B 168 -22.81 24.13 10.92
CA GLU B 168 -23.17 22.78 11.41
C GLU B 168 -22.04 22.18 12.23
N LEU B 169 -22.42 21.29 13.13
CA LEU B 169 -21.46 20.50 13.93
C LEU B 169 -21.91 19.05 13.90
N THR B 170 -21.02 18.19 13.40
CA THR B 170 -21.36 16.75 13.25
C THR B 170 -20.21 15.92 13.83
N THR B 171 -20.42 14.62 13.84
CA THR B 171 -19.36 13.68 14.27
C THR B 171 -19.49 12.37 13.51
N ALA B 172 -18.36 11.70 13.38
CA ALA B 172 -18.31 10.30 12.93
C ALA B 172 -18.14 9.42 14.17
N VAL B 173 -19.00 8.42 14.31
CA VAL B 173 -18.96 7.55 15.52
C VAL B 173 -18.66 6.12 15.08
N TRP B 174 -17.97 5.40 15.96
CA TRP B 174 -17.53 4.01 15.69
C TRP B 174 -18.74 3.10 15.49
N GLY B 175 -18.62 2.15 14.58
CA GLY B 175 -19.64 1.07 14.47
C GLY B 175 -19.58 0.12 15.64
N ASN B 176 -18.45 0.12 16.36
CA ASN B 176 -18.24 -0.72 17.56
C ASN B 176 -18.93 -0.08 18.75
N ASP B 177 -19.77 -0.84 19.47
CA ASP B 177 -20.61 -0.27 20.57
C ASP B 177 -19.74 0.10 21.78
N LYS B 178 -18.44 -0.20 21.77
CA LYS B 178 -17.52 0.34 22.82
C LYS B 178 -17.62 1.88 22.83
N PHE B 179 -17.85 2.47 21.67
CA PHE B 179 -17.91 3.95 21.58
C PHE B 179 -19.02 4.49 22.49
N ILE B 180 -20.14 3.78 22.51
CA ILE B 180 -21.34 4.19 23.31
C ILE B 180 -21.01 4.06 24.80
N ALA B 181 -20.31 2.99 25.17
CA ALA B 181 -19.87 2.78 26.58
C ALA B 181 -18.95 3.92 27.01
N ASN B 182 -18.24 4.53 26.05
CA ASN B 182 -17.10 5.44 26.32
C ASN B 182 -17.49 6.90 26.04
N THR B 183 -18.76 7.15 25.78
CA THR B 183 -19.28 8.52 25.49
C THR B 183 -20.63 8.70 26.16
N GLU B 184 -21.15 9.92 26.06
CA GLU B 184 -22.50 10.29 26.56
C GLU B 184 -23.36 10.68 25.36
N MET B 185 -23.78 9.68 24.58
CA MET B 185 -24.41 9.97 23.26
C MET B 185 -25.74 10.71 23.47
N ASP B 186 -26.40 10.49 24.61
CA ASP B 186 -27.67 11.20 24.90
C ASP B 186 -27.41 12.71 25.03
N LYS B 187 -26.28 13.07 25.63
CA LYS B 187 -25.93 14.50 25.85
C LYS B 187 -25.46 15.13 24.54
N VAL B 188 -24.48 14.52 23.87
CA VAL B 188 -23.87 15.18 22.67
C VAL B 188 -24.88 15.26 21.53
N SER B 189 -25.83 14.33 21.47
CA SER B 189 -26.80 14.30 20.35
CA SER B 189 -26.85 14.29 20.39
C SER B 189 -27.64 15.59 20.34
N ARG B 190 -27.76 16.27 21.49
CA ARG B 190 -28.49 17.58 21.55
C ARG B 190 -27.70 18.65 20.79
N ASP B 191 -26.38 18.52 20.77
CA ASP B 191 -25.50 19.59 20.20
C ASP B 191 -25.17 19.30 18.74
N PHE B 192 -25.01 18.03 18.39
CA PHE B 192 -24.68 17.67 16.99
C PHE B 192 -25.92 17.85 16.11
N ASP B 193 -25.74 18.46 14.94
CA ASP B 193 -26.86 18.57 13.95
C ASP B 193 -27.23 17.17 13.46
N PHE B 194 -26.23 16.32 13.28
CA PHE B 194 -26.45 14.90 12.94
C PHE B 194 -25.18 14.13 13.27
N ILE B 195 -25.36 12.83 13.28
CA ILE B 195 -24.34 11.86 13.74
CA ILE B 195 -24.32 11.87 13.73
C ILE B 195 -24.13 10.84 12.62
N ASN B 196 -22.91 10.77 12.10
CA ASN B 196 -22.58 9.83 11.01
C ASN B 196 -22.06 8.53 11.61
N VAL B 197 -22.89 7.49 11.59
CA VAL B 197 -22.48 6.18 12.17
C VAL B 197 -21.62 5.46 11.13
N MET B 198 -20.39 5.12 11.51
CA MET B 198 -19.46 4.39 10.60
C MET B 198 -19.81 2.90 10.65
N SER B 199 -20.97 2.60 10.07
CA SER B 199 -21.57 1.23 10.05
C SER B 199 -20.89 0.39 8.96
N TYR B 200 -19.59 0.25 9.12
CA TYR B 200 -18.69 -0.51 8.21
C TYR B 200 -17.41 -0.79 9.00
N ASP B 201 -16.42 -1.39 8.35
CA ASP B 201 -15.18 -1.86 9.02
C ASP B 201 -15.54 -2.86 10.14
N PHE B 202 -16.61 -3.62 9.97
CA PHE B 202 -16.98 -4.66 10.95
C PHE B 202 -16.02 -5.85 10.85
N ASN B 203 -15.51 -6.10 9.65
CA ASN B 203 -14.55 -7.21 9.39
C ASN B 203 -13.58 -6.77 8.32
N GLY B 204 -12.38 -7.33 8.35
CA GLY B 204 -11.30 -6.93 7.44
C GLY B 204 -10.07 -7.75 7.72
N THR B 205 -8.95 -7.35 7.13
CA THR B 205 -7.75 -8.24 7.07
C THR B 205 -6.97 -8.21 8.40
N TRP B 206 -7.42 -7.42 9.37
CA TRP B 206 -6.98 -7.58 10.80
C TRP B 206 -7.40 -8.98 11.31
N ASN B 207 -8.39 -9.59 10.67
CA ASN B 207 -8.78 -11.01 10.92
C ASN B 207 -8.09 -11.91 9.89
N LYS B 208 -7.67 -13.10 10.32
N LYS B 208 -7.67 -13.09 10.32
CA LYS B 208 -6.98 -14.06 9.42
C LYS B 208 -7.99 -14.78 8.52
N PHE B 209 -9.26 -14.71 8.91
CA PHE B 209 -10.40 -15.34 8.19
C PHE B 209 -11.27 -14.26 7.55
N SER B 210 -12.01 -14.64 6.53
CA SER B 210 -12.87 -13.70 5.78
C SER B 210 -14.17 -13.38 6.52
N GLY B 211 -14.81 -12.31 6.09
CA GLY B 211 -16.07 -11.86 6.66
C GLY B 211 -16.55 -10.63 5.94
N HIS B 212 -17.69 -10.10 6.37
CA HIS B 212 -18.34 -8.98 5.65
C HIS B 212 -17.98 -7.64 6.27
N ASN B 213 -17.61 -6.69 5.43
CA ASN B 213 -17.27 -5.32 5.91
C ASN B 213 -18.51 -4.65 6.51
N ALA B 214 -19.68 -4.88 5.91
CA ALA B 214 -20.90 -4.16 6.34
C ALA B 214 -22.13 -5.04 6.21
N PRO B 215 -22.17 -6.19 6.90
CA PRO B 215 -23.35 -7.03 6.84
C PRO B 215 -24.52 -6.24 7.43
N PHE B 216 -25.70 -6.41 6.84
CA PHE B 216 -26.89 -5.62 7.26
C PHE B 216 -27.35 -6.07 8.64
N VAL B 217 -27.49 -7.38 8.81
CA VAL B 217 -27.89 -7.98 10.12
C VAL B 217 -26.91 -9.09 10.49
N ASN B 218 -26.99 -9.50 11.73
CA ASN B 218 -26.14 -10.61 12.23
C ASN B 218 -26.40 -11.89 11.43
N ASP B 219 -25.32 -12.62 11.14
CA ASP B 219 -25.41 -13.99 10.60
C ASP B 219 -24.82 -14.96 11.61
N PRO B 220 -25.65 -15.70 12.37
CA PRO B 220 -25.12 -16.63 13.35
C PRO B 220 -24.15 -17.69 12.81
N ALA B 221 -24.12 -17.92 11.50
CA ALA B 221 -23.15 -18.86 10.89
C ALA B 221 -21.72 -18.33 11.08
N TYR B 222 -21.60 -17.03 11.34
CA TYR B 222 -20.29 -16.37 11.59
C TYR B 222 -20.10 -16.22 13.09
N ASP B 223 -19.21 -17.02 13.66
CA ASP B 223 -19.02 -17.12 15.12
C ASP B 223 -17.53 -17.21 15.40
N LYS B 224 -16.91 -16.05 15.60
CA LYS B 224 -15.44 -15.96 15.83
C LYS B 224 -15.13 -15.18 17.11
N PRO B 225 -14.03 -15.53 17.81
CA PRO B 225 -13.69 -14.86 19.06
C PRO B 225 -13.54 -13.35 18.91
N GLY B 226 -14.22 -12.61 19.79
CA GLY B 226 -14.12 -11.14 19.88
C GLY B 226 -14.95 -10.43 18.83
N ILE B 227 -15.68 -11.19 18.01
CA ILE B 227 -16.53 -10.61 16.92
C ILE B 227 -17.97 -11.04 17.19
N GLY B 228 -18.62 -10.34 18.11
CA GLY B 228 -19.96 -10.73 18.60
C GLY B 228 -21.06 -10.37 17.63
N LYS B 229 -22.26 -10.57 18.11
CA LYS B 229 -23.50 -10.46 17.30
C LYS B 229 -23.87 -9.00 17.00
N THR B 230 -23.10 -8.05 17.49
CA THR B 230 -23.39 -6.60 17.25
C THR B 230 -22.58 -6.06 16.06
N PHE B 231 -21.79 -6.89 15.40
CA PHE B 231 -20.88 -6.42 14.32
C PHE B 231 -21.63 -6.38 12.98
N ASN B 232 -22.66 -5.54 12.94
CA ASN B 232 -23.52 -5.41 11.72
C ASN B 232 -24.25 -4.08 11.77
N VAL B 233 -24.78 -3.67 10.63
CA VAL B 233 -25.35 -2.31 10.50
C VAL B 233 -26.55 -2.12 11.45
N VAL B 234 -27.50 -3.04 11.41
CA VAL B 234 -28.75 -2.88 12.22
C VAL B 234 -28.38 -2.84 13.71
N SER B 235 -27.48 -3.71 14.15
CA SER B 235 -27.06 -3.70 15.59
C SER B 235 -26.46 -2.33 15.96
N ALA B 236 -25.61 -1.79 15.10
CA ALA B 236 -24.97 -0.47 15.36
C ALA B 236 -26.04 0.62 15.44
N VAL B 237 -26.95 0.63 14.47
CA VAL B 237 -28.04 1.64 14.45
C VAL B 237 -28.87 1.51 15.73
N GLU B 238 -29.29 0.30 16.05
CA GLU B 238 -30.17 0.08 17.24
C GLU B 238 -29.42 0.52 18.51
N ALA B 239 -28.12 0.26 18.56
CA ALA B 239 -27.33 0.64 19.76
C ALA B 239 -27.33 2.17 19.94
N TYR B 240 -27.12 2.91 18.86
CA TYR B 240 -27.08 4.41 18.94
C TYR B 240 -28.48 4.93 19.26
N LEU B 241 -29.53 4.32 18.70
CA LEU B 241 -30.91 4.75 19.06
C LEU B 241 -31.13 4.53 20.56
N LYS B 242 -30.76 3.36 21.07
CA LYS B 242 -30.98 3.05 22.51
C LYS B 242 -30.17 4.03 23.39
N ALA B 243 -29.00 4.45 22.91
CA ALA B 243 -28.08 5.38 23.62
C ALA B 243 -28.62 6.82 23.60
N GLY B 244 -29.66 7.10 22.80
CA GLY B 244 -30.33 8.42 22.83
C GLY B 244 -30.08 9.27 21.60
N VAL B 245 -29.47 8.71 20.54
CA VAL B 245 -29.40 9.46 19.26
C VAL B 245 -30.79 9.45 18.63
N PRO B 246 -31.43 10.61 18.38
CA PRO B 246 -32.72 10.57 17.70
C PRO B 246 -32.57 9.95 16.30
N ALA B 247 -33.53 9.13 15.91
CA ALA B 247 -33.47 8.45 14.59
C ALA B 247 -33.22 9.47 13.48
N ASP B 248 -33.90 10.61 13.54
CA ASP B 248 -33.86 11.58 12.41
C ASP B 248 -32.47 12.23 12.30
N LYS B 249 -31.64 12.12 13.35
CA LYS B 249 -30.25 12.64 13.32
C LYS B 249 -29.22 11.55 13.00
N LEU B 250 -29.67 10.29 12.90
CA LEU B 250 -28.72 9.14 12.78
C LEU B 250 -28.52 8.84 11.29
N VAL B 251 -27.32 9.14 10.80
CA VAL B 251 -26.99 8.97 9.35
C VAL B 251 -26.20 7.66 9.22
N VAL B 252 -26.64 6.81 8.31
CA VAL B 252 -26.09 5.42 8.16
C VAL B 252 -24.91 5.42 7.20
N GLY B 253 -23.73 5.05 7.70
CA GLY B 253 -22.52 4.97 6.86
C GLY B 253 -22.54 3.77 5.95
N VAL B 254 -22.00 3.98 4.74
CA VAL B 254 -21.91 2.96 3.65
C VAL B 254 -20.50 3.01 3.10
N PRO B 255 -19.83 1.85 2.88
CA PRO B 255 -18.51 1.86 2.27
C PRO B 255 -18.58 1.78 0.74
N LEU B 256 -17.78 2.61 0.06
CA LEU B 256 -17.65 2.54 -1.43
C LEU B 256 -16.35 1.84 -1.82
N TYR B 257 -15.70 1.25 -0.83
CA TYR B 257 -14.51 0.39 -1.01
C TYR B 257 -14.88 -1.03 -0.58
N GLY B 258 -14.01 -1.97 -0.92
CA GLY B 258 -14.11 -3.35 -0.43
C GLY B 258 -12.81 -3.80 0.18
N TYR B 259 -12.86 -4.90 0.90
CA TYR B 259 -11.63 -5.50 1.46
C TYR B 259 -11.46 -6.87 0.82
N SER B 260 -10.20 -7.26 0.67
CA SER B 260 -9.87 -8.56 0.04
C SER B 260 -8.84 -9.32 0.89
N TRP B 261 -9.05 -10.64 0.90
CA TRP B 261 -8.08 -11.64 1.39
C TRP B 261 -7.62 -12.49 0.21
N LYS B 262 -6.47 -13.13 0.35
CA LYS B 262 -6.04 -14.16 -0.63
C LYS B 262 -5.98 -15.53 0.05
N GLY B 263 -6.06 -16.60 -0.75
CA GLY B 263 -5.79 -17.96 -0.22
C GLY B 263 -6.79 -18.39 0.82
N CYS B 264 -8.03 -17.94 0.71
CA CYS B 264 -9.13 -18.43 1.58
C CYS B 264 -9.53 -19.84 1.15
N ALA B 265 -9.57 -20.77 2.10
CA ALA B 265 -10.12 -22.11 1.84
C ALA B 265 -11.56 -21.96 1.32
N ALA B 266 -11.98 -22.81 0.38
CA ALA B 266 -13.36 -22.75 -0.14
C ALA B 266 -14.34 -23.17 0.97
N GLY B 267 -13.95 -24.19 1.73
CA GLY B 267 -14.89 -24.85 2.65
C GLY B 267 -16.17 -25.18 1.93
N GLU B 268 -17.30 -25.05 2.60
CA GLU B 268 -18.61 -25.33 1.95
C GLU B 268 -19.33 -24.02 1.65
N ARG B 269 -18.59 -22.91 1.63
CA ARG B 269 -19.20 -21.56 1.58
C ARG B 269 -18.52 -20.66 0.55
N ASN B 270 -17.81 -21.23 -0.42
CA ASN B 270 -17.12 -20.40 -1.44
C ASN B 270 -16.27 -19.32 -0.72
N GLY B 271 -15.52 -19.75 0.29
CA GLY B 271 -14.52 -18.87 0.95
C GLY B 271 -15.07 -18.04 2.09
N GLU B 272 -16.39 -17.98 2.25
CA GLU B 272 -17.03 -17.09 3.26
C GLU B 272 -16.78 -17.62 4.68
N TYR B 273 -16.19 -16.78 5.53
CA TYR B 273 -15.88 -17.07 6.97
C TYR B 273 -14.75 -18.10 7.08
N GLN B 274 -13.99 -18.30 6.01
CA GLN B 274 -12.94 -19.36 5.94
C GLN B 274 -11.57 -18.77 6.30
N ASP B 275 -10.64 -19.65 6.67
CA ASP B 275 -9.24 -19.24 6.96
C ASP B 275 -8.54 -18.83 5.67
N CYS B 276 -7.81 -17.71 5.74
CA CYS B 276 -7.15 -17.11 4.55
C CYS B 276 -5.64 -16.94 4.79
N ASN B 277 -4.98 -16.40 3.78
CA ASN B 277 -3.50 -16.25 3.74
C ASN B 277 -3.11 -14.80 3.47
N GLY B 278 -3.75 -13.86 4.17
CA GLY B 278 -3.36 -12.44 4.11
C GLY B 278 -4.17 -11.65 3.11
N LYS B 279 -3.69 -10.45 2.80
CA LYS B 279 -4.44 -9.49 1.95
C LYS B 279 -4.51 -9.99 0.51
N GLY B 280 -5.63 -9.73 -0.14
CA GLY B 280 -5.82 -9.97 -1.57
C GLY B 280 -5.50 -8.73 -2.40
N ARG B 281 -5.87 -8.80 -3.67
CA ARG B 281 -5.54 -7.68 -4.59
C ARG B 281 -6.30 -6.43 -4.14
N GLY B 282 -5.66 -5.29 -4.37
CA GLY B 282 -6.26 -3.98 -4.04
C GLY B 282 -6.03 -2.97 -5.13
N THR B 283 -6.61 -1.80 -4.95
CA THR B 283 -6.49 -0.71 -5.95
C THR B 283 -5.22 0.10 -5.64
N TRP B 284 -5.27 0.88 -4.57
CA TRP B 284 -4.16 1.82 -4.24
C TRP B 284 -3.22 1.21 -3.20
N GLU B 285 -3.64 0.09 -2.63
CA GLU B 285 -2.84 -0.69 -1.63
C GLU B 285 -3.42 -2.10 -1.63
N ASP B 286 -2.62 -3.07 -1.20
CA ASP B 286 -3.13 -4.46 -1.12
C ASP B 286 -4.37 -4.48 -0.21
N GLY B 287 -5.33 -5.33 -0.54
CA GLY B 287 -6.42 -5.70 0.39
C GLY B 287 -7.54 -4.66 0.49
N ASN B 288 -7.45 -3.58 -0.27
CA ASN B 288 -8.49 -2.51 -0.26
C ASN B 288 -8.79 -2.15 -1.72
N LEU B 289 -10.01 -2.41 -2.15
CA LEU B 289 -10.42 -2.16 -3.55
C LEU B 289 -11.39 -0.99 -3.62
N ASP B 290 -11.20 -0.11 -4.60
CA ASP B 290 -12.29 0.84 -4.93
C ASP B 290 -13.45 0.05 -5.55
N PHE B 291 -14.68 0.44 -5.28
CA PHE B 291 -15.83 -0.13 -6.03
C PHE B 291 -15.57 -0.06 -7.54
N THR B 292 -15.00 1.04 -8.01
CA THR B 292 -14.75 1.22 -9.46
C THR B 292 -13.99 0.00 -10.02
N ASP B 293 -12.98 -0.42 -9.27
CA ASP B 293 -12.06 -1.51 -9.65
C ASP B 293 -12.79 -2.85 -9.59
N ILE B 294 -13.49 -3.11 -8.49
CA ILE B 294 -14.38 -4.31 -8.41
C ILE B 294 -15.28 -4.38 -9.64
N GLU B 295 -15.99 -3.30 -9.90
CA GLU B 295 -16.99 -3.26 -11.00
C GLU B 295 -16.32 -3.52 -12.36
N LYS B 296 -15.19 -2.86 -12.62
CA LYS B 296 -14.54 -2.96 -13.96
C LYS B 296 -13.88 -4.34 -14.12
N ASN B 297 -13.25 -4.82 -13.06
CA ASN B 297 -12.23 -5.91 -13.18
C ASN B 297 -12.70 -7.24 -12.59
N LEU B 298 -13.56 -7.22 -11.57
CA LEU B 298 -13.74 -8.45 -10.73
C LEU B 298 -15.18 -8.99 -10.68
N LEU B 299 -16.17 -8.19 -11.05
N LEU B 299 -16.18 -8.17 -11.01
CA LEU B 299 -17.59 -8.60 -10.86
CA LEU B 299 -17.59 -8.62 -10.91
C LEU B 299 -17.93 -9.70 -11.89
C LEU B 299 -17.82 -9.72 -11.94
N ASN B 300 -17.82 -10.97 -11.50
CA ASN B 300 -17.93 -12.13 -12.44
C ASN B 300 -16.88 -12.00 -13.55
N LYS B 301 -15.69 -11.59 -13.15
CA LYS B 301 -14.53 -11.37 -14.08
CA LYS B 301 -14.53 -11.37 -14.08
C LYS B 301 -13.23 -11.81 -13.40
N LYS B 302 -12.21 -12.05 -14.21
CA LYS B 302 -10.82 -12.37 -13.73
C LYS B 302 -10.85 -13.51 -12.70
N GLY B 303 -11.78 -14.45 -12.89
CA GLY B 303 -11.83 -15.68 -12.06
C GLY B 303 -12.64 -15.52 -10.79
N PHE B 304 -13.23 -14.36 -10.58
CA PHE B 304 -14.09 -14.10 -9.40
C PHE B 304 -15.56 -14.33 -9.75
N LYS B 305 -16.28 -14.97 -8.85
CA LYS B 305 -17.75 -15.14 -8.98
C LYS B 305 -18.43 -14.42 -7.83
N ARG B 306 -19.59 -13.83 -8.12
CA ARG B 306 -20.42 -13.15 -7.09
C ARG B 306 -21.33 -14.16 -6.40
N TYR B 307 -21.35 -14.07 -5.08
CA TYR B 307 -22.28 -14.84 -4.22
C TYR B 307 -23.07 -13.87 -3.34
N TRP B 308 -24.21 -14.34 -2.88
CA TRP B 308 -25.11 -13.54 -2.02
C TRP B 308 -25.43 -14.32 -0.75
N ASN B 309 -25.16 -13.69 0.38
CA ASN B 309 -25.61 -14.21 1.70
C ASN B 309 -26.96 -13.58 2.02
N ASP B 310 -28.03 -14.38 1.94
CA ASP B 310 -29.41 -13.85 2.11
C ASP B 310 -29.79 -13.74 3.60
N THR B 311 -28.90 -14.11 4.50
CA THR B 311 -29.11 -13.86 5.96
C THR B 311 -28.50 -12.51 6.33
N ALA B 312 -27.20 -12.37 6.10
CA ALA B 312 -26.46 -11.10 6.35
C ALA B 312 -26.95 -9.98 5.41
N LYS B 313 -27.50 -10.37 4.26
CA LYS B 313 -27.87 -9.44 3.14
C LYS B 313 -26.59 -8.74 2.66
N ALA B 314 -25.63 -9.54 2.24
CA ALA B 314 -24.31 -9.04 1.77
C ALA B 314 -23.82 -9.89 0.62
N ALA B 315 -23.25 -9.23 -0.37
CA ALA B 315 -22.61 -9.92 -1.50
C ALA B 315 -21.12 -10.08 -1.23
N TYR B 316 -20.56 -11.07 -1.87
CA TYR B 316 -19.08 -11.26 -1.83
C TYR B 316 -18.63 -11.84 -3.16
N LEU B 317 -17.35 -11.65 -3.43
CA LEU B 317 -16.72 -12.33 -4.59
C LEU B 317 -15.75 -13.38 -4.09
N TYR B 318 -15.68 -14.49 -4.81
CA TYR B 318 -14.68 -15.55 -4.51
C TYR B 318 -14.04 -16.01 -5.80
N ASN B 319 -12.71 -16.10 -5.77
CA ASN B 319 -11.89 -16.62 -6.89
C ASN B 319 -11.42 -18.01 -6.49
N ALA B 320 -12.02 -19.04 -7.09
CA ALA B 320 -11.74 -20.44 -6.70
C ALA B 320 -10.28 -20.77 -6.96
N GLU B 321 -9.67 -20.20 -8.00
CA GLU B 321 -8.24 -20.48 -8.29
C GLU B 321 -7.34 -19.96 -7.17
N THR B 322 -7.43 -18.66 -6.88
CA THR B 322 -6.48 -17.99 -5.95
C THR B 322 -6.97 -18.05 -4.50
N GLY B 323 -8.24 -18.38 -4.30
CA GLY B 323 -8.84 -18.27 -2.95
C GLY B 323 -9.08 -16.83 -2.54
N GLU B 324 -8.95 -15.87 -3.45
CA GLU B 324 -9.22 -14.46 -3.07
C GLU B 324 -10.72 -14.30 -2.76
N PHE B 325 -10.97 -13.55 -1.70
CA PHE B 325 -12.34 -13.26 -1.23
C PHE B 325 -12.49 -11.76 -1.12
N VAL B 326 -13.55 -11.21 -1.71
CA VAL B 326 -13.80 -9.75 -1.66
C VAL B 326 -15.13 -9.48 -0.95
N THR B 327 -15.06 -8.70 0.13
CA THR B 327 -16.27 -8.10 0.72
C THR B 327 -16.43 -6.70 0.16
N TYR B 328 -17.63 -6.37 -0.32
CA TYR B 328 -17.88 -5.04 -0.94
C TYR B 328 -19.37 -4.73 -0.83
N GLU B 329 -19.73 -3.49 -1.11
CA GLU B 329 -21.14 -3.05 -1.06
C GLU B 329 -21.78 -3.25 -2.43
N ASP B 330 -22.64 -4.26 -2.52
CA ASP B 330 -23.37 -4.55 -3.78
C ASP B 330 -24.66 -3.75 -3.80
N PRO B 331 -25.14 -3.29 -4.97
CA PRO B 331 -26.44 -2.62 -5.03
C PRO B 331 -27.59 -3.39 -4.38
N GLN B 332 -27.54 -4.71 -4.36
CA GLN B 332 -28.65 -5.49 -3.74
C GLN B 332 -28.70 -5.19 -2.24
N ALA B 333 -27.53 -5.11 -1.60
CA ALA B 333 -27.41 -4.80 -0.16
C ALA B 333 -27.75 -3.32 0.08
N LEU B 334 -27.24 -2.46 -0.78
CA LEU B 334 -27.41 -1.01 -0.55
C LEU B 334 -28.90 -0.63 -0.68
N LYS B 335 -29.63 -1.27 -1.60
CA LYS B 335 -31.08 -0.99 -1.71
C LYS B 335 -31.78 -1.34 -0.38
N ILE B 336 -31.42 -2.47 0.22
CA ILE B 336 -32.02 -2.87 1.53
C ILE B 336 -31.72 -1.80 2.58
N LYS B 337 -30.49 -1.30 2.60
CA LYS B 337 -30.11 -0.26 3.60
C LYS B 337 -30.88 1.03 3.34
N LEU B 338 -31.06 1.41 2.07
CA LEU B 338 -31.78 2.69 1.76
C LEU B 338 -33.25 2.54 2.16
N ASP B 339 -33.82 1.37 1.91
CA ASP B 339 -35.23 1.12 2.32
C ASP B 339 -35.34 1.20 3.85
N TYR B 340 -34.34 0.69 4.55
CA TYR B 340 -34.28 0.70 6.03
C TYR B 340 -34.17 2.14 6.55
N ILE B 341 -33.30 2.94 5.94
CA ILE B 341 -33.18 4.38 6.35
C ILE B 341 -34.57 5.00 6.32
N LYS B 342 -35.33 4.76 5.26
CA LYS B 342 -36.68 5.38 5.11
C LYS B 342 -37.68 4.73 6.09
N SER B 343 -37.70 3.40 6.19
CA SER B 343 -38.72 2.72 7.03
C SER B 343 -38.48 3.02 8.52
N LYS B 344 -37.23 3.22 8.91
CA LYS B 344 -36.87 3.39 10.34
C LYS B 344 -36.87 4.88 10.72
N GLY B 345 -36.96 5.78 9.74
CA GLY B 345 -36.98 7.23 10.02
C GLY B 345 -35.60 7.76 10.36
N LEU B 346 -34.58 7.18 9.74
CA LEU B 346 -33.18 7.60 10.01
C LEU B 346 -32.84 8.88 9.24
N GLY B 347 -31.63 9.39 9.45
CA GLY B 347 -31.29 10.76 9.02
C GLY B 347 -30.77 10.83 7.59
N GLY B 348 -30.50 9.67 7.00
CA GLY B 348 -29.93 9.62 5.65
C GLY B 348 -28.78 8.65 5.57
N ALA B 349 -27.95 8.85 4.57
CA ALA B 349 -26.77 7.99 4.30
C ALA B 349 -25.50 8.84 4.28
N MET B 350 -24.43 8.24 4.77
CA MET B 350 -23.06 8.80 4.66
C MET B 350 -22.21 7.78 3.92
N TYR B 351 -21.18 8.20 3.20
CA TYR B 351 -20.28 7.19 2.57
C TYR B 351 -18.84 7.65 2.54
N TRP B 352 -18.03 6.63 2.76
CA TRP B 352 -16.55 6.69 2.63
C TRP B 352 -16.15 5.85 1.42
N GLU B 353 -15.67 6.45 0.33
CA GLU B 353 -15.52 7.87 0.07
C GLU B 353 -15.79 8.07 -1.44
N ILE B 354 -16.11 9.29 -1.84
CA ILE B 354 -16.75 9.54 -3.17
C ILE B 354 -15.81 9.19 -4.33
N THR B 355 -14.49 9.19 -4.14
CA THR B 355 -13.58 8.92 -5.29
C THR B 355 -13.62 7.44 -5.66
N ALA B 356 -14.13 6.59 -4.78
CA ALA B 356 -14.00 5.12 -4.93
C ALA B 356 -15.07 4.53 -5.86
N ASP B 357 -15.95 5.35 -6.43
CA ASP B 357 -17.06 4.86 -7.31
C ASP B 357 -17.18 5.78 -8.53
N ARG B 358 -16.30 5.62 -9.51
CA ARG B 358 -16.22 6.64 -10.60
C ARG B 358 -17.46 6.62 -11.49
N LYS B 359 -18.09 5.46 -11.68
CA LYS B 359 -19.32 5.39 -12.52
C LYS B 359 -20.54 5.84 -11.71
N GLN B 360 -20.35 6.10 -10.42
CA GLN B 360 -21.45 6.55 -9.49
C GLN B 360 -22.56 5.48 -9.46
N THR B 361 -22.18 4.20 -9.55
CA THR B 361 -23.17 3.11 -9.46
C THR B 361 -23.86 3.12 -8.09
N LEU B 362 -23.07 3.26 -7.02
CA LEU B 362 -23.63 3.33 -5.65
C LEU B 362 -24.07 4.77 -5.33
N VAL B 363 -23.24 5.73 -5.70
CA VAL B 363 -23.54 7.18 -5.49
C VAL B 363 -24.93 7.51 -6.07
N ASN B 364 -25.21 7.07 -7.29
CA ASN B 364 -26.48 7.44 -7.96
C ASN B 364 -27.66 6.73 -7.27
N LEU B 365 -27.47 5.47 -6.86
CA LEU B 365 -28.56 4.72 -6.18
C LEU B 365 -28.93 5.45 -4.88
N ILE B 366 -27.92 5.85 -4.10
CA ILE B 366 -28.18 6.58 -2.82
C ILE B 366 -28.98 7.85 -3.10
N ALA B 367 -28.51 8.65 -4.05
CA ALA B 367 -29.19 9.93 -4.37
C ALA B 367 -30.61 9.67 -4.88
N ASP B 368 -30.77 8.65 -5.72
CA ASP B 368 -32.11 8.39 -6.32
C ASP B 368 -33.10 7.99 -5.22
N GLU B 369 -32.63 7.25 -4.22
CA GLU B 369 -33.56 6.73 -3.17
C GLU B 369 -33.81 7.78 -2.09
N LEU B 370 -32.86 8.68 -1.84
CA LEU B 370 -32.97 9.57 -0.64
C LEU B 370 -33.26 11.03 -0.99
N LEU B 371 -32.93 11.45 -2.21
CA LEU B 371 -33.06 12.89 -2.59
C LEU B 371 -34.20 13.02 -3.60
N THR B 372 -34.90 14.15 -3.54
CA THR B 372 -36.06 14.41 -4.45
C THR B 372 -35.57 14.41 -5.90
#